data_5MM2
#
_entry.id   5MM2
#
loop_
_entity.id
_entity.type
_entity.pdbx_description
1 polymer 'capsid protein VP4C'
2 polymer 'capsid protein VP4B'
3 polymer 'Capsid protein VP4A'
#
loop_
_entity_poly.entity_id
_entity_poly.type
_entity_poly.pdbx_seq_one_letter_code
_entity_poly.pdbx_strand_id
1 'polypeptide(L)'
;SLPENAPNAVSNPQQFITPATALSAEEYNVHEALGETEELELDEFPVLVFKGNVPVDSVTSIPLDLATIYDFAWDGEQNA
ISQKFQRFAHLIPKSAGGFGPVIGNYTITANLPTGVAGRILHNCLPGDCVDLAVSRIFGLKSLLGVAGTAVSAIGGPLLN
GLVNTAAPILSGAAHAIGGNVVGGLADAVIDIGSNLLTPKEKEQPSANSSAISGDIPISRFVEMLKYVKENYQDNPVFPT
LLVEPQNFISNAMTALKTIPIEVFANMRNVKVERNLFDRTVVPTVKEATLADIVIPNHMYGYILRDFLQNKRAFQSGTKQ
NVYFQQFLTVLSQRNIRTHITLNDITSCSIDSESIANKIERVKHYLSTNSSGETTEEFSRTDTGLLPITTRKIVLGESKR
RTERYVAETVFPSVRQ
;
A
2 'polypeptide(L)'
;ADNEVTAEGGKLVQELVYDHSAIPVAPVVETQAEQPEVPVSLVATRKNDTGHLATKWYDFAKISLSNPANMNWTTLTIDP
YNNVTLSRDGESMVLPWRRNVWTTGSKSIGYIRTMVAQINIPRPPQISGVLEVKDSINNSSISLVEFGGKVEIPIIPKVM
NGLATTASLPRHRLNPWMRTAESKVELQYRIIAFNRTSDIADLNVSVLLRPGDSQFQLPMKPDNNVDTRHFELVEALMYH
YDSLRIRGEEQ
;
B
3 'polypeptide(L)'
;MQNPTQTMHIYDMPLRVIAGLSTLAKTTEEDDNTSTGIVVSEVGEPQVVNHPAWIDPFVAYQLRAPRKNITPDFIFGRAD
IGNAFSAFLPRRFSAPAVGTRLVVDPVFTYQQRTVLGLYNYFHADFYYIVHVPAPLGTGIYLKIYAPEFDTTTVTRGIRF
KPSASPTIALSVPWSNDLSTVETSVGRVGQSGGSIVIETIEDNSNETVNTPLSITVWCCMANIKATGYRHADTSAYNEKG
MNFIPVPVPKPPVPPTKPITGEEQ
;
C
#
# COMPACT_ATOMS: atom_id res chain seq x y z
N SER A 1 -9.88 -13.48 -8.48
CA SER A 1 -9.99 -13.69 -9.91
C SER A 1 -8.71 -14.29 -10.46
N LEU A 2 -8.63 -14.38 -11.79
CA LEU A 2 -7.50 -14.87 -12.57
C LEU A 2 -7.13 -16.28 -12.14
N PRO A 3 -7.87 -17.29 -12.62
CA PRO A 3 -7.87 -18.62 -11.97
C PRO A 3 -6.60 -19.43 -12.12
N GLU A 4 -6.64 -20.66 -11.60
CA GLU A 4 -5.52 -21.59 -11.63
C GLU A 4 -6.03 -22.87 -12.26
N ASN A 5 -5.98 -22.95 -13.58
CA ASN A 5 -6.45 -24.14 -14.28
C ASN A 5 -5.42 -25.24 -14.21
N ALA A 6 -5.88 -26.47 -14.00
CA ALA A 6 -4.99 -27.62 -13.95
C ALA A 6 -4.81 -28.18 -15.34
N PRO A 7 -3.59 -28.28 -15.86
CA PRO A 7 -3.39 -28.87 -17.18
C PRO A 7 -3.34 -30.39 -17.09
N ASN A 8 -3.13 -31.02 -18.23
CA ASN A 8 -2.91 -32.45 -18.27
C ASN A 8 -1.47 -32.75 -17.91
N ALA A 9 -1.13 -34.03 -17.86
CA ALA A 9 0.24 -34.42 -17.56
C ALA A 9 1.17 -34.08 -18.72
N VAL A 10 0.79 -34.46 -19.93
CA VAL A 10 1.55 -34.20 -21.13
C VAL A 10 0.87 -33.07 -21.89
N SER A 11 1.63 -32.06 -22.28
CA SER A 11 1.06 -30.95 -23.02
C SER A 11 0.82 -31.35 -24.46
N ASN A 12 -0.34 -30.95 -24.98
CA ASN A 12 -0.70 -31.24 -26.36
C ASN A 12 0.13 -30.38 -27.29
N PRO A 13 0.79 -30.96 -28.30
CA PRO A 13 1.65 -30.15 -29.18
C PRO A 13 0.92 -29.17 -30.07
N GLN A 14 -0.37 -29.33 -30.32
CA GLN A 14 -1.05 -28.37 -31.17
C GLN A 14 -1.37 -27.05 -30.48
N GLN A 15 -1.15 -26.95 -29.17
CA GLN A 15 -1.33 -25.69 -28.48
C GLN A 15 -0.07 -25.13 -27.87
N PHE A 16 0.86 -25.97 -27.46
CA PHE A 16 2.01 -25.52 -26.69
C PHE A 16 3.30 -25.98 -27.36
N ILE A 17 4.32 -25.13 -27.32
CA ILE A 17 5.61 -25.46 -27.91
C ILE A 17 6.64 -25.78 -26.83
N THR A 18 6.35 -25.49 -25.57
CA THR A 18 7.18 -25.84 -24.44
C THR A 18 6.37 -26.76 -23.53
N PRO A 19 7.00 -27.47 -22.59
CA PRO A 19 6.22 -28.10 -21.53
C PRO A 19 5.61 -27.08 -20.60
N ALA A 20 4.65 -27.53 -19.82
CA ALA A 20 3.98 -26.66 -18.86
C ALA A 20 4.96 -26.21 -17.78
N THR A 21 4.70 -25.02 -17.24
CA THR A 21 5.60 -24.47 -16.23
C THR A 21 5.53 -25.27 -14.93
N ALA A 22 4.32 -25.67 -14.53
CA ALA A 22 4.13 -26.60 -13.44
C ALA A 22 2.76 -27.25 -13.59
N LEU A 23 2.53 -28.31 -12.83
CA LEU A 23 1.22 -28.93 -12.79
C LEU A 23 0.35 -28.39 -11.67
N SER A 24 0.89 -27.52 -10.83
CA SER A 24 0.12 -26.88 -9.78
C SER A 24 0.72 -25.50 -9.55
N ALA A 25 -0.07 -24.62 -8.96
CA ALA A 25 0.43 -23.31 -8.63
C ALA A 25 1.41 -23.40 -7.47
N GLU A 26 2.09 -22.29 -7.20
CA GLU A 26 3.22 -22.27 -6.30
C GLU A 26 2.94 -21.24 -5.22
N GLU A 27 1.83 -21.42 -4.53
CA GLU A 27 1.30 -20.43 -3.61
C GLU A 27 1.86 -20.54 -2.19
N TYR A 28 2.99 -21.20 -2.01
CA TYR A 28 3.63 -21.10 -0.70
C TYR A 28 4.31 -19.75 -0.59
N ASN A 29 4.50 -19.30 0.66
CA ASN A 29 5.13 -18.06 1.11
C ASN A 29 4.28 -16.82 0.88
N VAL A 30 3.21 -16.91 0.13
CA VAL A 30 2.37 -15.75 -0.13
C VAL A 30 1.19 -15.80 0.83
N HIS A 31 0.84 -14.65 1.39
CA HIS A 31 -0.11 -14.60 2.49
C HIS A 31 -1.42 -14.06 1.92
N GLU A 32 -2.19 -14.97 1.32
CA GLU A 32 -3.34 -14.55 0.54
C GLU A 32 -4.51 -14.11 1.39
N ALA A 33 -4.58 -14.58 2.63
CA ALA A 33 -5.69 -14.22 3.52
C ALA A 33 -5.38 -12.99 4.33
N LEU A 34 -4.94 -11.93 3.68
CA LEU A 34 -4.35 -10.87 4.48
C LEU A 34 -4.92 -9.49 4.18
N GLY A 35 -5.23 -9.19 2.93
CA GLY A 35 -5.61 -7.83 2.60
C GLY A 35 -7.11 -7.64 2.58
N GLU A 36 -7.58 -6.93 1.56
CA GLU A 36 -8.97 -6.60 1.37
C GLU A 36 -9.09 -6.16 -0.07
N THR A 37 -10.03 -6.73 -0.81
CA THR A 37 -10.11 -6.41 -2.23
C THR A 37 -10.69 -5.02 -2.43
N GLU A 38 -10.11 -4.28 -3.36
CA GLU A 38 -10.41 -2.85 -3.50
C GLU A 38 -10.53 -2.59 -5.00
N GLU A 39 -11.76 -2.66 -5.51
CA GLU A 39 -12.05 -2.57 -6.93
C GLU A 39 -12.59 -1.18 -7.22
N LEU A 40 -11.69 -0.27 -7.54
CA LEU A 40 -12.10 1.04 -8.01
C LEU A 40 -11.97 1.11 -9.52
N GLU A 41 -12.67 2.07 -10.12
CA GLU A 41 -12.80 2.13 -11.57
C GLU A 41 -11.51 2.53 -12.26
N LEU A 42 -10.57 3.10 -11.52
CA LEU A 42 -9.26 3.43 -12.04
C LEU A 42 -8.44 2.18 -12.37
N ASP A 43 -8.77 1.04 -11.78
CA ASP A 43 -8.04 -0.19 -12.06
C ASP A 43 -8.33 -0.73 -13.44
N GLU A 44 -9.40 -0.28 -14.07
CA GLU A 44 -9.81 -0.80 -15.36
C GLU A 44 -9.27 0.01 -16.53
N PHE A 45 -8.26 0.87 -16.29
CA PHE A 45 -7.51 1.48 -17.36
C PHE A 45 -6.21 0.72 -17.56
N PRO A 46 -5.93 0.20 -18.75
CA PRO A 46 -4.62 -0.42 -18.97
C PRO A 46 -3.52 0.63 -19.10
N VAL A 47 -2.27 0.15 -19.03
CA VAL A 47 -1.11 1.01 -19.05
C VAL A 47 -0.28 0.66 -20.28
N LEU A 48 -0.02 1.66 -21.12
CA LEU A 48 0.88 1.46 -22.25
C LEU A 48 2.29 1.51 -21.71
N VAL A 49 2.86 0.34 -21.42
CA VAL A 49 4.16 0.28 -20.78
C VAL A 49 5.29 0.49 -21.79
N PHE A 50 5.23 -0.16 -22.94
CA PHE A 50 6.26 0.02 -23.95
C PHE A 50 5.62 0.43 -25.26
N LYS A 51 6.25 1.34 -25.97
CA LYS A 51 5.82 1.72 -27.30
C LYS A 51 7.03 2.08 -28.11
N GLY A 52 7.16 1.48 -29.28
CA GLY A 52 8.21 1.88 -30.17
C GLY A 52 8.66 0.72 -31.04
N ASN A 53 9.82 0.91 -31.63
CA ASN A 53 10.39 -0.06 -32.55
C ASN A 53 11.28 -1.04 -31.81
N VAL A 54 11.34 -2.26 -32.34
CA VAL A 54 12.04 -3.34 -31.67
C VAL A 54 12.82 -4.16 -32.69
N PRO A 55 14.11 -4.40 -32.49
CA PRO A 55 14.92 -5.03 -33.53
C PRO A 55 14.60 -6.52 -33.70
N VAL A 56 14.72 -6.97 -34.94
CA VAL A 56 14.37 -8.33 -35.34
C VAL A 56 15.57 -9.24 -35.11
N ASP A 57 15.30 -10.46 -34.63
CA ASP A 57 16.30 -11.49 -34.30
C ASP A 57 17.25 -11.04 -33.19
N SER A 58 16.67 -10.46 -32.14
CA SER A 58 17.41 -10.05 -30.96
C SER A 58 16.39 -9.91 -29.84
N VAL A 59 16.68 -10.51 -28.69
CA VAL A 59 15.73 -10.46 -27.58
C VAL A 59 15.77 -9.08 -26.95
N THR A 60 14.60 -8.48 -26.78
CA THR A 60 14.48 -7.13 -26.27
C THR A 60 13.88 -7.16 -24.87
N SER A 61 14.58 -6.56 -23.93
CA SER A 61 14.12 -6.53 -22.54
C SER A 61 13.14 -5.40 -22.34
N ILE A 62 12.03 -5.70 -21.68
CA ILE A 62 11.13 -4.69 -21.15
C ILE A 62 11.03 -4.87 -19.65
N PRO A 63 11.79 -4.11 -18.89
CA PRO A 63 11.75 -4.24 -17.42
C PRO A 63 10.42 -3.77 -16.86
N LEU A 64 9.69 -4.72 -16.30
CA LEU A 64 8.29 -4.51 -15.96
C LEU A 64 8.17 -4.25 -14.46
N ASP A 65 8.78 -3.15 -14.04
CA ASP A 65 8.84 -2.71 -12.64
C ASP A 65 7.61 -1.87 -12.38
N LEU A 66 6.58 -2.47 -11.81
CA LEU A 66 5.28 -1.82 -11.73
C LEU A 66 5.20 -0.74 -10.67
N ALA A 67 6.16 -0.64 -9.77
CA ALA A 67 6.06 0.39 -8.74
C ALA A 67 6.44 1.76 -9.29
N THR A 68 7.33 1.79 -10.27
CA THR A 68 7.90 3.03 -10.78
C THR A 68 7.62 3.22 -12.27
N ILE A 69 6.55 2.63 -12.75
CA ILE A 69 6.35 2.46 -14.18
C ILE A 69 5.75 3.71 -14.80
N TYR A 70 6.03 3.93 -16.08
CA TYR A 70 5.51 5.07 -16.82
C TYR A 70 4.48 4.60 -17.83
N ASP A 71 3.48 5.44 -18.08
CA ASP A 71 2.42 5.18 -19.05
C ASP A 71 2.63 6.09 -20.25
N PHE A 72 2.77 5.50 -21.44
CA PHE A 72 2.93 6.27 -22.65
C PHE A 72 1.62 6.66 -23.31
N ALA A 73 0.49 6.21 -22.79
CA ALA A 73 -0.82 6.61 -23.29
C ALA A 73 -1.45 7.68 -22.40
N TRP A 74 -0.65 8.32 -21.55
CA TRP A 74 -1.16 9.29 -20.60
C TRP A 74 -0.02 10.23 -20.24
N ASP A 75 -0.32 11.52 -20.11
CA ASP A 75 0.70 12.52 -19.92
C ASP A 75 0.93 12.88 -18.46
N GLY A 76 0.12 12.36 -17.56
CA GLY A 76 0.18 12.76 -16.17
C GLY A 76 1.38 12.18 -15.43
N GLU A 77 1.42 12.49 -14.14
CA GLU A 77 2.54 12.09 -13.31
C GLU A 77 2.40 10.63 -12.87
N GLN A 78 1.21 10.24 -12.43
CA GLN A 78 0.90 8.89 -12.02
C GLN A 78 0.00 8.24 -13.07
N ASN A 79 -0.28 6.95 -12.87
CA ASN A 79 -1.13 6.22 -13.80
C ASN A 79 -1.95 5.22 -12.99
N ALA A 80 -2.54 4.24 -13.69
CA ALA A 80 -3.44 3.31 -13.02
C ALA A 80 -2.71 2.32 -12.12
N ILE A 81 -1.48 1.96 -12.48
CA ILE A 81 -0.76 0.95 -11.72
C ILE A 81 0.12 1.59 -10.66
N SER A 82 0.79 2.68 -10.99
CA SER A 82 1.72 3.27 -10.04
C SER A 82 1.03 4.04 -8.93
N GLN A 83 -0.20 4.50 -9.13
CA GLN A 83 -0.91 5.16 -8.04
C GLN A 83 -1.34 4.15 -6.98
N LYS A 84 -1.52 2.90 -7.38
CA LYS A 84 -1.79 1.84 -6.42
C LYS A 84 -0.61 1.63 -5.49
N PHE A 85 0.61 1.85 -5.98
CA PHE A 85 1.80 1.80 -5.14
C PHE A 85 2.04 3.07 -4.36
N GLN A 86 1.42 4.17 -4.75
CA GLN A 86 1.49 5.38 -3.93
C GLN A 86 0.63 5.24 -2.69
N ARG A 87 -0.59 4.74 -2.86
CA ARG A 87 -1.61 4.80 -1.83
C ARG A 87 -1.38 3.77 -0.73
N PHE A 88 -0.80 2.63 -1.05
CA PHE A 88 -0.74 1.53 -0.10
C PHE A 88 0.69 1.07 0.11
N ALA A 89 0.91 0.40 1.24
CA ALA A 89 2.21 -0.18 1.53
C ALA A 89 2.30 -1.61 1.03
N HIS A 90 1.24 -2.38 1.19
CA HIS A 90 1.26 -3.81 0.98
C HIS A 90 0.35 -4.13 -0.19
N LEU A 91 0.86 -4.85 -1.16
CA LEU A 91 0.04 -5.38 -2.23
C LEU A 91 0.15 -6.90 -2.16
N ILE A 92 -0.98 -7.58 -2.24
CA ILE A 92 -1.03 -9.01 -1.98
C ILE A 92 -1.58 -9.69 -3.23
N PRO A 93 -0.83 -10.59 -3.86
CA PRO A 93 -1.37 -11.30 -5.03
C PRO A 93 -2.52 -12.22 -4.68
N LYS A 94 -3.52 -12.29 -5.56
CA LYS A 94 -4.67 -13.15 -5.31
C LYS A 94 -4.32 -14.61 -5.49
N SER A 95 -3.74 -14.95 -6.63
CA SER A 95 -3.48 -16.31 -7.02
C SER A 95 -2.09 -16.42 -7.61
N ALA A 96 -1.72 -17.62 -8.05
CA ALA A 96 -0.35 -17.91 -8.44
C ALA A 96 -0.35 -18.77 -9.69
N GLY A 97 0.86 -19.00 -10.19
CA GLY A 97 1.07 -19.83 -11.35
C GLY A 97 2.31 -20.69 -11.19
N GLY A 98 2.85 -21.17 -12.31
CA GLY A 98 4.00 -22.06 -12.23
C GLY A 98 5.29 -21.35 -11.89
N PHE A 99 5.38 -20.06 -12.17
CA PHE A 99 6.56 -19.30 -11.81
C PHE A 99 6.50 -18.81 -10.37
N GLY A 100 5.44 -18.08 -10.05
CA GLY A 100 5.34 -17.38 -8.80
C GLY A 100 3.92 -16.91 -8.61
N PRO A 101 3.65 -16.17 -7.54
CA PRO A 101 2.40 -15.42 -7.46
C PRO A 101 2.30 -14.44 -8.62
N VAL A 102 1.11 -14.27 -9.15
CA VAL A 102 0.90 -13.51 -10.36
C VAL A 102 -0.03 -12.33 -10.07
N ILE A 103 0.32 -11.16 -10.60
CA ILE A 103 -0.38 -9.92 -10.28
C ILE A 103 -1.04 -9.26 -11.49
N GLY A 104 -0.80 -9.72 -12.70
CA GLY A 104 -1.42 -9.07 -13.85
C GLY A 104 -1.07 -9.79 -15.12
N ASN A 105 -1.57 -9.25 -16.23
CA ASN A 105 -1.27 -9.74 -17.56
C ASN A 105 -0.68 -8.61 -18.39
N TYR A 106 0.07 -8.98 -19.43
CA TYR A 106 0.48 -8.04 -20.45
C TYR A 106 -0.18 -8.41 -21.77
N THR A 107 -0.11 -7.50 -22.73
CA THR A 107 -0.65 -7.74 -24.06
C THR A 107 0.25 -7.04 -25.07
N ILE A 108 0.76 -7.79 -26.02
CA ILE A 108 1.55 -7.26 -27.13
C ILE A 108 0.61 -7.09 -28.31
N THR A 109 0.62 -5.91 -28.92
CA THR A 109 -0.20 -5.68 -30.10
C THR A 109 0.60 -4.94 -31.15
N ALA A 110 0.23 -5.15 -32.41
CA ALA A 110 0.96 -4.60 -33.55
C ALA A 110 0.05 -4.57 -34.75
N ASN A 111 -0.21 -3.38 -35.30
CA ASN A 111 -1.06 -3.21 -36.47
C ASN A 111 -0.15 -3.25 -37.69
N LEU A 112 -0.19 -4.34 -38.43
CA LEU A 112 0.66 -4.54 -39.59
C LEU A 112 -0.16 -4.67 -40.87
N PRO A 113 0.31 -4.14 -41.98
CA PRO A 113 -0.33 -4.40 -43.26
C PRO A 113 0.00 -5.81 -43.73
N THR A 114 -0.67 -6.23 -44.79
CA THR A 114 -0.58 -7.62 -45.22
C THR A 114 0.71 -7.94 -45.94
N GLY A 115 1.52 -6.95 -46.28
CA GLY A 115 2.72 -7.17 -47.05
C GLY A 115 3.97 -7.51 -46.29
N VAL A 116 3.91 -7.64 -44.97
CA VAL A 116 5.01 -8.14 -44.16
C VAL A 116 4.46 -9.31 -43.34
N ALA A 117 5.36 -10.18 -42.88
CA ALA A 117 4.92 -11.39 -42.18
C ALA A 117 6.05 -11.95 -41.35
N GLY A 118 5.83 -12.14 -40.06
CA GLY A 118 6.81 -12.73 -39.18
C GLY A 118 6.21 -13.49 -38.01
N ARG A 119 6.95 -13.67 -36.93
CA ARG A 119 6.42 -14.31 -35.74
C ARG A 119 7.05 -13.68 -34.52
N ILE A 120 6.41 -13.86 -33.37
CA ILE A 120 6.82 -13.25 -32.11
C ILE A 120 7.00 -14.34 -31.08
N LEU A 121 8.16 -14.37 -30.43
CA LEU A 121 8.38 -15.17 -29.24
C LEU A 121 8.33 -14.27 -28.03
N HIS A 122 7.57 -14.66 -27.01
CA HIS A 122 7.48 -13.86 -25.81
C HIS A 122 7.42 -14.74 -24.58
N ASN A 123 7.99 -14.23 -23.49
CA ASN A 123 8.01 -14.89 -22.20
C ASN A 123 8.27 -13.83 -21.16
N CYS A 124 7.81 -14.06 -19.93
CA CYS A 124 7.96 -13.09 -18.85
C CYS A 124 8.47 -13.81 -17.61
N LEU A 125 9.77 -13.72 -17.38
CA LEU A 125 10.46 -14.42 -16.31
C LEU A 125 10.40 -13.60 -15.01
N PRO A 126 10.33 -14.27 -13.85
CA PRO A 126 9.94 -13.58 -12.62
C PRO A 126 10.94 -12.56 -12.07
N GLY A 127 12.22 -12.68 -12.39
CA GLY A 127 13.18 -11.79 -11.78
C GLY A 127 13.81 -12.34 -10.53
N ASP A 128 13.23 -13.36 -9.94
CA ASP A 128 13.97 -14.21 -9.03
C ASP A 128 15.07 -14.94 -9.78
N CYS A 129 14.85 -15.23 -11.06
CA CYS A 129 15.85 -15.77 -11.97
C CYS A 129 16.09 -14.77 -13.11
N VAL A 130 16.94 -13.77 -12.84
CA VAL A 130 17.31 -12.79 -13.86
C VAL A 130 18.43 -13.27 -14.76
N ASP A 131 19.09 -14.37 -14.42
CA ASP A 131 20.14 -14.91 -15.27
C ASP A 131 19.56 -15.43 -16.57
N LEU A 132 18.41 -16.08 -16.48
CA LEU A 132 17.73 -16.57 -17.66
C LEU A 132 17.18 -15.41 -18.48
N ALA A 133 16.94 -14.27 -17.85
CA ALA A 133 16.58 -13.08 -18.62
C ALA A 133 17.79 -12.54 -19.36
N VAL A 134 18.90 -12.35 -18.65
CA VAL A 134 20.06 -11.65 -19.20
C VAL A 134 20.79 -12.51 -20.21
N SER A 135 20.82 -13.83 -20.01
CA SER A 135 21.41 -14.74 -20.99
C SER A 135 20.65 -14.73 -22.31
N ARG A 136 19.35 -14.51 -22.26
CA ARG A 136 18.58 -14.40 -23.50
C ARG A 136 18.79 -13.06 -24.19
N ILE A 137 19.01 -11.98 -23.41
CA ILE A 137 19.22 -10.66 -23.98
C ILE A 137 20.53 -10.62 -24.75
N PHE A 138 21.57 -11.23 -24.21
CA PHE A 138 22.90 -11.19 -24.82
C PHE A 138 23.06 -12.16 -25.98
N GLY A 139 22.02 -12.85 -26.40
CA GLY A 139 22.16 -13.78 -27.51
C GLY A 139 22.81 -15.10 -27.14
N LEU A 140 23.02 -15.35 -25.86
CA LEU A 140 23.66 -16.59 -25.42
C LEU A 140 22.69 -17.76 -25.47
N LYS A 141 21.41 -17.52 -25.25
CA LYS A 141 20.38 -18.55 -25.27
C LYS A 141 19.14 -18.03 -25.95
N SER A 142 18.28 -18.93 -26.38
CA SER A 142 17.06 -18.58 -27.08
C SER A 142 15.85 -18.74 -26.16
N LEU A 143 14.74 -18.14 -26.58
CA LEU A 143 13.52 -18.22 -25.79
C LEU A 143 12.85 -19.58 -25.86
N LEU A 144 13.13 -20.38 -26.89
CA LEU A 144 12.48 -21.67 -27.01
C LEU A 144 12.99 -22.69 -26.01
N GLY A 145 14.07 -22.41 -25.30
CA GLY A 145 14.65 -23.34 -24.37
C GLY A 145 14.24 -23.22 -22.92
N VAL A 146 13.27 -22.38 -22.61
CA VAL A 146 12.78 -22.20 -21.25
C VAL A 146 11.26 -22.38 -21.27
N ALA A 147 10.73 -22.98 -20.21
CA ALA A 147 9.30 -23.28 -20.16
C ALA A 147 8.50 -21.99 -20.06
N GLY A 148 7.36 -21.97 -20.74
CA GLY A 148 6.47 -20.82 -20.72
C GLY A 148 6.50 -19.96 -21.96
N THR A 149 7.34 -20.27 -22.93
CA THR A 149 7.47 -19.46 -24.13
C THR A 149 6.34 -19.76 -25.09
N ALA A 150 5.71 -18.70 -25.62
CA ALA A 150 4.69 -18.86 -26.63
C ALA A 150 5.19 -18.28 -27.95
N VAL A 151 4.59 -18.76 -29.04
CA VAL A 151 4.91 -18.31 -30.38
C VAL A 151 3.61 -17.85 -31.02
N SER A 152 3.58 -16.61 -31.49
CA SER A 152 2.41 -16.08 -32.17
C SER A 152 2.87 -15.47 -33.48
N ALA A 153 2.17 -15.79 -34.56
CA ALA A 153 2.57 -15.36 -35.90
C ALA A 153 1.75 -14.15 -36.30
N ILE A 154 2.36 -12.97 -36.24
CA ILE A 154 1.74 -11.78 -36.78
C ILE A 154 2.18 -11.62 -38.22
N GLY A 155 1.23 -11.47 -39.11
CA GLY A 155 1.63 -11.33 -40.48
C GLY A 155 1.16 -10.02 -41.08
N GLY A 156 0.17 -10.11 -41.96
CA GLY A 156 -0.38 -11.39 -42.35
C GLY A 156 -1.58 -11.31 -43.23
N PRO A 157 -2.07 -12.49 -43.62
CA PRO A 157 -3.51 -12.71 -43.63
C PRO A 157 -4.09 -12.96 -42.25
N LEU A 158 -3.30 -12.78 -41.20
CA LEU A 158 -3.59 -13.27 -39.86
C LEU A 158 -4.15 -12.16 -39.00
N LEU A 159 -5.17 -12.48 -38.22
CA LEU A 159 -5.79 -11.53 -37.30
C LEU A 159 -5.32 -11.77 -35.86
N ASN A 160 -4.01 -11.69 -35.63
CA ASN A 160 -3.55 -12.04 -34.28
C ASN A 160 -3.30 -10.87 -33.34
N GLY A 161 -2.31 -10.02 -33.59
CA GLY A 161 -2.04 -9.05 -32.55
C GLY A 161 -2.80 -7.76 -32.78
N LEU A 162 -4.00 -7.66 -32.23
CA LEU A 162 -4.92 -6.58 -32.59
C LEU A 162 -5.82 -6.30 -31.41
N VAL A 163 -6.25 -5.05 -31.28
CA VAL A 163 -7.06 -4.60 -30.16
C VAL A 163 -8.36 -4.05 -30.71
N ASN A 164 -9.49 -4.55 -30.19
CA ASN A 164 -10.82 -4.08 -30.55
C ASN A 164 -11.63 -3.93 -29.29
N THR A 165 -12.10 -2.72 -29.02
CA THR A 165 -12.66 -2.37 -27.72
C THR A 165 -14.18 -2.35 -27.71
N ALA A 166 -14.81 -1.64 -28.66
CA ALA A 166 -16.26 -1.51 -28.78
C ALA A 166 -16.89 -0.88 -27.54
N ALA A 167 -16.77 0.46 -27.43
CA ALA A 167 -16.98 1.38 -26.31
C ALA A 167 -18.07 1.04 -25.30
N PRO A 168 -17.78 1.25 -23.93
CA PRO A 168 -18.67 0.76 -22.86
C PRO A 168 -19.80 1.72 -22.54
N ILE A 169 -20.65 1.93 -23.50
CA ILE A 169 -21.81 2.80 -23.32
C ILE A 169 -23.02 1.93 -23.06
N LEU A 170 -24.00 2.49 -22.36
CA LEU A 170 -25.19 1.74 -22.00
C LEU A 170 -26.16 1.59 -23.16
N SER A 171 -25.97 2.37 -24.22
CA SER A 171 -26.84 2.26 -25.39
C SER A 171 -26.57 1.00 -26.19
N GLY A 172 -25.31 0.57 -26.23
CA GLY A 172 -24.91 -0.55 -27.03
C GLY A 172 -24.71 -0.25 -28.50
N ALA A 173 -24.90 1.00 -28.91
CA ALA A 173 -24.92 1.47 -30.30
C ALA A 173 -25.86 0.62 -31.15
N ALA A 174 -27.12 0.60 -30.74
CA ALA A 174 -28.11 -0.21 -31.42
C ALA A 174 -28.57 0.39 -32.74
N HIS A 175 -28.27 1.65 -33.01
CA HIS A 175 -28.57 2.28 -34.28
C HIS A 175 -27.23 2.58 -34.95
N ALA A 176 -26.64 1.57 -35.56
CA ALA A 176 -25.36 1.71 -36.22
C ALA A 176 -25.57 1.41 -37.69
N ILE A 177 -24.94 2.20 -38.56
CA ILE A 177 -25.24 2.15 -39.98
C ILE A 177 -24.35 1.13 -40.65
N GLY A 178 -24.95 0.07 -41.17
CA GLY A 178 -24.28 -0.83 -42.07
C GLY A 178 -23.47 -1.92 -41.42
N GLY A 179 -23.63 -2.14 -40.13
CA GLY A 179 -22.87 -3.17 -39.47
C GLY A 179 -23.14 -3.25 -37.99
N ASN A 180 -22.74 -4.35 -37.37
CA ASN A 180 -23.01 -4.60 -35.97
C ASN A 180 -21.78 -4.32 -35.14
N VAL A 181 -21.99 -3.66 -33.99
CA VAL A 181 -20.94 -3.51 -33.01
C VAL A 181 -20.74 -4.86 -32.33
N VAL A 182 -19.53 -5.39 -32.41
CA VAL A 182 -19.26 -6.77 -32.06
C VAL A 182 -18.73 -6.82 -30.64
N GLY A 183 -19.48 -7.47 -29.77
CA GLY A 183 -19.02 -7.70 -28.42
C GLY A 183 -19.03 -6.50 -27.52
N GLY A 184 -19.68 -5.41 -27.92
CA GLY A 184 -19.65 -4.23 -27.08
C GLY A 184 -20.50 -4.37 -25.84
N LEU A 185 -21.81 -4.29 -26.04
CA LEU A 185 -22.85 -4.37 -25.02
C LEU A 185 -24.14 -4.36 -25.81
N ALA A 186 -25.21 -4.87 -25.18
CA ALA A 186 -26.43 -5.34 -25.85
C ALA A 186 -26.13 -6.45 -26.86
N ASP A 187 -25.03 -7.17 -26.64
CA ASP A 187 -24.81 -8.50 -27.18
C ASP A 187 -24.74 -9.51 -26.04
N ALA A 188 -23.80 -9.29 -25.12
CA ALA A 188 -23.54 -10.12 -23.97
C ALA A 188 -22.69 -9.31 -23.01
N VAL A 189 -22.83 -9.61 -21.72
CA VAL A 189 -22.18 -8.89 -20.64
C VAL A 189 -21.27 -9.92 -19.98
N ILE A 190 -20.51 -10.64 -20.82
CA ILE A 190 -19.54 -11.68 -20.44
C ILE A 190 -18.74 -11.32 -19.20
N ASP A 191 -18.72 -12.22 -18.22
CA ASP A 191 -18.12 -11.95 -16.93
C ASP A 191 -16.61 -11.98 -17.00
N ILE A 192 -15.99 -11.33 -16.02
CA ILE A 192 -14.54 -11.29 -15.94
C ILE A 192 -13.97 -12.64 -15.54
N GLY A 193 -14.75 -13.45 -14.82
CA GLY A 193 -14.30 -14.77 -14.42
C GLY A 193 -14.50 -15.81 -15.50
N SER A 194 -15.64 -15.74 -16.18
CA SER A 194 -15.91 -16.64 -17.28
C SER A 194 -15.07 -16.30 -18.49
N ASN A 195 -14.96 -17.25 -19.41
CA ASN A 195 -14.18 -17.06 -20.64
C ASN A 195 -15.03 -17.58 -21.78
N LEU A 196 -15.86 -16.71 -22.35
CA LEU A 196 -16.77 -17.05 -23.42
C LEU A 196 -16.68 -16.01 -24.52
N LEU A 197 -17.35 -16.31 -25.64
CA LEU A 197 -17.54 -15.40 -26.75
C LEU A 197 -18.99 -14.95 -26.70
N THR A 198 -19.31 -13.78 -27.30
CA THR A 198 -20.52 -13.10 -26.87
C THR A 198 -21.82 -13.76 -27.34
N PRO A 199 -22.41 -13.46 -28.51
CA PRO A 199 -22.67 -14.42 -29.58
C PRO A 199 -22.17 -13.91 -30.92
N LYS A 200 -21.80 -12.64 -30.98
CA LYS A 200 -21.51 -11.98 -32.25
C LYS A 200 -20.05 -12.03 -32.63
N GLU A 201 -19.16 -12.32 -31.69
CA GLU A 201 -17.76 -12.52 -32.04
C GLU A 201 -17.44 -13.96 -32.35
N LYS A 202 -18.47 -14.75 -32.69
CA LYS A 202 -18.29 -16.10 -33.14
C LYS A 202 -18.32 -16.26 -34.65
N GLU A 203 -18.91 -15.32 -35.38
CA GLU A 203 -18.88 -15.37 -36.83
C GLU A 203 -18.24 -14.14 -37.46
N GLN A 204 -17.76 -13.21 -36.66
CA GLN A 204 -17.14 -11.99 -37.13
C GLN A 204 -15.71 -12.09 -37.67
N PRO A 205 -14.90 -13.06 -37.26
CA PRO A 205 -13.67 -13.02 -36.46
C PRO A 205 -12.66 -11.88 -36.63
N SER A 206 -12.86 -10.93 -37.55
CA SER A 206 -12.05 -9.72 -37.57
C SER A 206 -12.04 -8.98 -36.24
N ALA A 207 -13.15 -9.01 -35.50
CA ALA A 207 -13.21 -8.36 -34.20
C ALA A 207 -12.96 -9.33 -33.05
N ASN A 208 -12.49 -10.55 -33.32
CA ASN A 208 -12.25 -11.49 -32.24
C ASN A 208 -10.80 -11.45 -31.76
N SER A 209 -9.84 -11.49 -32.71
CA SER A 209 -8.46 -11.04 -32.49
C SER A 209 -7.73 -11.83 -31.41
N SER A 210 -7.31 -13.04 -31.80
CA SER A 210 -6.55 -13.93 -30.92
C SER A 210 -5.29 -13.30 -30.35
N ALA A 211 -5.29 -13.02 -29.05
CA ALA A 211 -4.35 -12.09 -28.44
C ALA A 211 -2.99 -12.74 -28.16
N ILE A 212 -2.00 -11.88 -27.97
CA ILE A 212 -0.62 -12.26 -27.69
C ILE A 212 -0.37 -11.83 -26.25
N SER A 213 -0.55 -12.75 -25.31
CA SER A 213 -0.60 -12.32 -23.93
C SER A 213 0.01 -13.38 -23.03
N GLY A 214 0.47 -12.93 -21.87
CA GLY A 214 0.99 -13.82 -20.86
C GLY A 214 0.61 -13.25 -19.51
N ASP A 215 1.37 -13.57 -18.46
CA ASP A 215 1.04 -13.09 -17.14
C ASP A 215 2.27 -12.46 -16.50
N ILE A 216 2.05 -11.81 -15.37
CA ILE A 216 3.08 -11.03 -14.69
C ILE A 216 3.33 -11.68 -13.33
N PRO A 217 4.33 -12.56 -13.23
CA PRO A 217 4.64 -13.18 -11.95
C PRO A 217 5.59 -12.31 -11.14
N ILE A 218 5.66 -12.57 -9.82
CA ILE A 218 6.65 -11.79 -9.10
C ILE A 218 7.83 -12.61 -8.63
N SER A 219 7.70 -13.41 -7.58
CA SER A 219 8.84 -14.04 -6.95
C SER A 219 8.31 -14.92 -5.83
N ARG A 220 9.01 -15.98 -5.50
CA ARG A 220 8.44 -17.03 -4.72
C ARG A 220 8.94 -17.05 -3.28
N PHE A 221 9.47 -15.95 -2.77
CA PHE A 221 9.86 -15.93 -1.37
C PHE A 221 9.21 -14.82 -0.58
N VAL A 222 8.73 -13.76 -1.20
CA VAL A 222 8.16 -12.64 -0.46
C VAL A 222 6.76 -13.00 0.01
N GLU A 223 6.35 -12.35 1.09
CA GLU A 223 5.05 -12.60 1.68
C GLU A 223 3.99 -11.66 1.14
N MET A 224 4.38 -10.44 0.82
CA MET A 224 3.55 -9.41 0.22
C MET A 224 4.47 -8.59 -0.68
N LEU A 225 4.04 -7.41 -1.08
CA LEU A 225 4.78 -6.67 -2.08
C LEU A 225 5.09 -5.26 -1.58
N LYS A 226 5.74 -5.19 -0.43
CA LYS A 226 6.21 -3.91 0.10
C LYS A 226 7.46 -3.45 -0.65
N TYR A 227 7.37 -2.29 -1.29
CA TYR A 227 8.43 -1.77 -2.15
C TYR A 227 9.31 -0.80 -1.37
N VAL A 228 10.63 -1.03 -1.41
CA VAL A 228 11.56 -0.18 -0.66
C VAL A 228 12.56 0.50 -1.60
N LYS A 229 12.89 -0.15 -2.72
CA LYS A 229 13.79 0.19 -3.83
C LYS A 229 15.26 0.01 -3.47
N GLU A 230 15.60 -0.16 -2.20
CA GLU A 230 16.93 -0.59 -1.82
C GLU A 230 17.01 -2.09 -1.66
N ASN A 231 15.94 -2.69 -1.17
CA ASN A 231 15.89 -4.13 -1.02
C ASN A 231 15.66 -4.84 -2.34
N TYR A 232 14.99 -4.19 -3.28
CA TYR A 232 14.72 -4.86 -4.54
C TYR A 232 15.89 -4.74 -5.51
N GLN A 233 16.88 -3.94 -5.19
CA GLN A 233 18.13 -4.02 -5.92
C GLN A 233 19.00 -5.16 -5.43
N ASP A 234 18.77 -5.65 -4.22
CA ASP A 234 19.55 -6.76 -3.71
C ASP A 234 18.87 -8.09 -3.95
N ASN A 235 17.55 -8.13 -3.88
CA ASN A 235 16.77 -9.34 -4.15
C ASN A 235 15.59 -8.92 -5.01
N PRO A 236 15.73 -8.98 -6.33
CA PRO A 236 14.70 -8.41 -7.20
C PRO A 236 13.42 -9.24 -7.21
N VAL A 237 12.31 -8.52 -7.35
CA VAL A 237 10.98 -9.12 -7.28
C VAL A 237 10.24 -8.99 -8.60
N PHE A 238 10.31 -7.84 -9.24
CA PHE A 238 9.49 -7.58 -10.41
C PHE A 238 10.02 -8.31 -11.64
N PRO A 239 9.14 -8.71 -12.55
CA PRO A 239 9.58 -9.54 -13.68
C PRO A 239 10.23 -8.77 -14.81
N THR A 240 10.51 -9.49 -15.88
CA THR A 240 11.09 -8.92 -17.09
C THR A 240 10.46 -9.59 -18.28
N LEU A 241 9.94 -8.79 -19.20
CA LEU A 241 9.33 -9.29 -20.42
C LEU A 241 10.36 -9.40 -21.52
N LEU A 242 10.42 -10.57 -22.15
CA LEU A 242 11.38 -10.87 -23.20
C LEU A 242 10.61 -11.07 -24.49
N VAL A 243 10.93 -10.29 -25.51
CA VAL A 243 10.22 -10.30 -26.78
C VAL A 243 11.22 -10.56 -27.88
N GLU A 244 10.89 -11.47 -28.80
CA GLU A 244 11.81 -11.69 -29.90
C GLU A 244 11.09 -11.86 -31.23
N PRO A 245 11.19 -10.88 -32.14
CA PRO A 245 10.65 -11.03 -33.49
C PRO A 245 11.62 -11.77 -34.39
N GLN A 246 11.17 -12.87 -34.99
CA GLN A 246 12.07 -13.79 -35.70
C GLN A 246 12.33 -13.46 -37.17
N ASN A 247 11.33 -13.69 -38.03
CA ASN A 247 11.72 -13.76 -39.43
C ASN A 247 11.49 -12.47 -40.20
N PHE A 248 10.22 -12.08 -40.37
CA PHE A 248 9.81 -10.76 -40.85
C PHE A 248 10.42 -10.38 -42.20
N ILE A 249 9.91 -11.04 -43.23
CA ILE A 249 10.24 -10.70 -44.59
C ILE A 249 9.13 -9.83 -45.18
N SER A 250 9.48 -9.12 -46.25
CA SER A 250 8.57 -8.27 -47.00
C SER A 250 8.12 -8.99 -48.26
N ASN A 251 7.35 -8.29 -49.11
CA ASN A 251 6.92 -8.86 -50.39
C ASN A 251 8.05 -9.02 -51.39
N ALA A 252 9.13 -8.28 -51.22
CA ALA A 252 10.32 -8.44 -52.06
C ALA A 252 11.23 -9.52 -51.55
N MET A 253 10.75 -10.36 -50.62
CA MET A 253 11.48 -11.45 -49.97
C MET A 253 12.73 -10.95 -49.27
N THR A 254 12.66 -9.73 -48.74
CA THR A 254 13.77 -9.07 -48.10
C THR A 254 13.52 -9.08 -46.60
N ALA A 255 14.52 -9.49 -45.84
CA ALA A 255 14.39 -9.54 -44.40
C ALA A 255 14.30 -8.13 -43.83
N LEU A 256 13.27 -7.89 -43.04
CA LEU A 256 13.11 -6.59 -42.42
C LEU A 256 14.02 -6.47 -41.22
N LYS A 257 13.97 -5.30 -40.60
CA LYS A 257 14.47 -5.09 -39.27
C LYS A 257 13.58 -4.05 -38.63
N THR A 258 13.66 -3.98 -37.30
CA THR A 258 13.03 -2.97 -36.43
C THR A 258 11.54 -2.72 -36.73
N ILE A 259 10.72 -3.71 -36.37
CA ILE A 259 9.26 -3.60 -36.49
C ILE A 259 8.68 -2.76 -35.36
N PRO A 260 7.52 -2.12 -35.55
CA PRO A 260 6.87 -1.42 -34.44
C PRO A 260 5.86 -2.25 -33.67
N ILE A 261 6.00 -2.33 -32.35
CA ILE A 261 4.99 -2.93 -31.49
C ILE A 261 4.68 -1.97 -30.35
N GLU A 262 3.76 -2.38 -29.48
CA GLU A 262 3.45 -1.67 -28.25
C GLU A 262 2.82 -2.65 -27.28
N VAL A 263 3.06 -2.44 -25.99
CA VAL A 263 2.71 -3.41 -24.96
C VAL A 263 1.80 -2.74 -23.95
N PHE A 264 0.66 -3.37 -23.68
CA PHE A 264 -0.25 -2.95 -22.63
C PHE A 264 -0.08 -3.83 -21.42
N ALA A 265 -0.50 -3.32 -20.27
CA ALA A 265 -0.39 -4.05 -19.02
C ALA A 265 -1.51 -3.63 -18.10
N ASN A 266 -1.89 -4.53 -17.19
CA ASN A 266 -2.80 -4.18 -16.13
C ASN A 266 -2.43 -4.97 -14.89
N MET A 267 -2.87 -4.47 -13.74
CA MET A 267 -2.65 -5.14 -12.46
C MET A 267 -4.00 -5.18 -11.76
N ARG A 268 -4.77 -6.22 -12.03
CA ARG A 268 -6.12 -6.35 -11.49
C ARG A 268 -6.23 -7.61 -10.66
N ASN A 269 -5.11 -8.06 -10.08
CA ASN A 269 -5.06 -9.32 -9.37
C ASN A 269 -4.45 -9.14 -8.00
N VAL A 270 -4.65 -7.99 -7.36
CA VAL A 270 -4.00 -7.71 -6.09
C VAL A 270 -5.02 -7.30 -5.04
N LYS A 271 -4.62 -7.49 -3.78
CA LYS A 271 -5.31 -7.01 -2.60
C LYS A 271 -4.44 -5.98 -1.90
N VAL A 272 -5.07 -5.09 -1.16
CA VAL A 272 -4.36 -3.96 -0.58
C VAL A 272 -4.44 -4.01 0.93
N GLU A 273 -3.49 -3.35 1.57
CA GLU A 273 -3.46 -3.20 3.02
C GLU A 273 -2.59 -1.98 3.31
N ARG A 274 -2.82 -1.37 4.48
CA ARG A 274 -1.95 -0.34 5.08
C ARG A 274 -1.90 0.91 4.21
N ASN A 275 -3.04 1.57 4.18
CA ASN A 275 -3.23 2.83 3.45
C ASN A 275 -2.39 3.94 4.08
N LEU A 276 -1.61 4.65 3.27
CA LEU A 276 -0.59 5.56 3.77
C LEU A 276 -0.91 7.02 3.45
N PHE A 277 -0.59 7.91 4.37
CA PHE A 277 -0.91 9.32 4.25
C PHE A 277 0.36 10.14 4.43
N ASP A 278 0.38 11.29 3.74
CA ASP A 278 1.41 12.33 3.63
C ASP A 278 2.86 11.83 3.72
N ARG A 279 3.16 10.80 2.94
CA ARG A 279 4.46 10.18 2.96
C ARG A 279 5.48 11.02 2.21
N THR A 280 6.76 10.79 2.53
CA THR A 280 7.87 11.53 1.93
C THR A 280 8.63 10.71 0.91
N VAL A 281 9.03 9.49 1.25
CA VAL A 281 9.71 8.61 0.32
C VAL A 281 8.67 7.86 -0.48
N VAL A 282 8.57 8.18 -1.76
CA VAL A 282 7.55 7.62 -2.66
C VAL A 282 8.28 6.72 -3.65
N PRO A 283 7.59 5.85 -4.40
CA PRO A 283 8.29 4.99 -5.38
C PRO A 283 8.81 5.68 -6.64
N THR A 284 8.78 7.02 -6.74
CA THR A 284 9.46 7.86 -7.76
C THR A 284 9.41 7.38 -9.22
N VAL A 285 8.23 7.46 -9.84
CA VAL A 285 8.07 7.11 -11.26
C VAL A 285 8.98 7.99 -12.13
N LYS A 286 9.82 7.34 -12.91
CA LYS A 286 10.77 8.06 -13.76
C LYS A 286 10.04 8.57 -14.99
N GLU A 287 10.22 9.86 -15.28
CA GLU A 287 9.45 10.49 -16.34
C GLU A 287 9.94 10.02 -17.71
N ALA A 288 8.99 9.61 -18.53
CA ALA A 288 9.08 9.49 -19.98
C ALA A 288 9.95 8.35 -20.48
N THR A 289 10.66 7.61 -19.63
CA THR A 289 11.22 6.39 -20.21
C THR A 289 10.84 5.05 -19.59
N LEU A 290 11.49 4.63 -18.50
CA LEU A 290 11.46 3.23 -18.06
C LEU A 290 12.28 3.01 -16.79
N ALA A 291 12.30 1.78 -16.29
CA ALA A 291 13.32 1.30 -15.39
C ALA A 291 14.40 0.60 -16.24
N ASP A 292 15.43 0.04 -15.62
CA ASP A 292 16.45 -0.51 -16.49
C ASP A 292 16.70 -2.02 -16.44
N ILE A 293 17.44 -2.53 -15.43
CA ILE A 293 17.57 -3.90 -14.90
C ILE A 293 18.59 -3.80 -13.76
N VAL A 294 18.41 -4.54 -12.67
CA VAL A 294 19.43 -4.61 -11.63
C VAL A 294 19.96 -6.03 -11.55
N ILE A 295 21.27 -6.19 -11.69
CA ILE A 295 21.96 -7.46 -11.53
C ILE A 295 22.64 -7.45 -10.17
N PRO A 296 22.15 -8.17 -9.18
CA PRO A 296 22.74 -8.11 -7.84
C PRO A 296 24.05 -8.88 -7.75
N ASN A 297 24.64 -8.82 -6.56
CA ASN A 297 26.02 -9.27 -6.35
C ASN A 297 26.13 -10.78 -6.45
N HIS A 298 25.10 -11.50 -6.03
CA HIS A 298 25.12 -12.95 -6.04
C HIS A 298 24.71 -13.56 -7.37
N MET A 299 24.56 -12.75 -8.42
CA MET A 299 24.22 -13.22 -9.74
C MET A 299 25.39 -13.14 -10.71
N TYR A 300 26.59 -12.75 -10.26
CA TYR A 300 27.70 -12.50 -11.17
C TYR A 300 28.23 -13.78 -11.78
N GLY A 301 28.48 -14.79 -10.94
CA GLY A 301 29.01 -16.05 -11.41
C GLY A 301 28.06 -16.84 -12.28
N TYR A 302 26.77 -16.54 -12.20
CA TYR A 302 25.80 -17.18 -13.09
C TYR A 302 25.82 -16.55 -14.47
N ILE A 303 26.03 -15.24 -14.56
CA ILE A 303 26.21 -14.59 -15.85
C ILE A 303 27.57 -14.98 -16.43
N LEU A 304 28.58 -15.10 -15.56
CA LEU A 304 29.92 -15.46 -15.99
C LEU A 304 29.97 -16.85 -16.58
N ARG A 305 29.24 -17.79 -15.98
CA ARG A 305 29.28 -19.17 -16.43
C ARG A 305 28.70 -19.35 -17.82
N ASP A 306 27.68 -18.56 -18.15
CA ASP A 306 26.97 -18.78 -19.40
C ASP A 306 27.74 -18.22 -20.59
N PHE A 307 28.61 -17.23 -20.37
CA PHE A 307 29.53 -16.83 -21.42
C PHE A 307 30.57 -17.92 -21.65
N LEU A 308 31.03 -18.56 -20.58
CA LEU A 308 32.09 -19.56 -20.68
C LEU A 308 31.62 -20.82 -21.39
N GLN A 309 30.36 -21.21 -21.21
CA GLN A 309 29.83 -22.33 -21.97
C GLN A 309 29.11 -21.87 -23.24
N ASN A 310 29.78 -21.02 -23.99
CA ASN A 310 29.26 -20.54 -25.28
C ASN A 310 30.46 -20.39 -26.21
N LYS A 311 30.46 -21.16 -27.29
CA LYS A 311 31.57 -21.15 -28.24
C LYS A 311 31.60 -19.88 -29.08
N ARG A 312 30.49 -19.17 -29.18
CA ARG A 312 30.43 -17.98 -30.02
C ARG A 312 30.92 -16.74 -29.29
N ALA A 313 30.86 -16.74 -27.96
CA ALA A 313 31.32 -15.59 -27.19
C ALA A 313 32.84 -15.42 -27.18
N PHE A 314 33.59 -16.45 -27.58
CA PHE A 314 35.05 -16.35 -27.61
C PHE A 314 35.60 -15.84 -28.93
N GLN A 315 34.93 -16.12 -30.05
CA GLN A 315 35.42 -15.67 -31.33
C GLN A 315 35.09 -14.20 -31.53
N SER A 316 36.01 -13.47 -32.16
CA SER A 316 35.89 -12.03 -32.23
C SER A 316 35.04 -11.61 -33.42
N GLY A 317 34.52 -10.39 -33.34
CA GLY A 317 33.72 -9.82 -34.39
C GLY A 317 32.24 -10.13 -34.30
N THR A 318 31.80 -10.88 -33.30
CA THR A 318 30.40 -11.21 -33.13
C THR A 318 29.78 -10.35 -32.04
N LYS A 319 28.46 -10.45 -31.92
CA LYS A 319 27.76 -9.61 -30.96
C LYS A 319 27.96 -10.09 -29.53
N GLN A 320 28.10 -11.39 -29.34
CA GLN A 320 28.28 -11.93 -27.99
C GLN A 320 29.66 -11.61 -27.43
N ASN A 321 30.67 -11.48 -28.30
CA ASN A 321 31.99 -11.12 -27.81
C ASN A 321 32.07 -9.66 -27.42
N VAL A 322 31.19 -8.81 -27.93
CA VAL A 322 31.15 -7.41 -27.52
C VAL A 322 30.64 -7.29 -26.10
N TYR A 323 29.55 -8.01 -25.78
CA TYR A 323 29.00 -7.98 -24.43
C TYR A 323 29.93 -8.62 -23.42
N PHE A 324 30.67 -9.65 -23.82
CA PHE A 324 31.50 -10.38 -22.87
C PHE A 324 32.74 -9.59 -22.51
N GLN A 325 33.27 -8.80 -23.43
CA GLN A 325 34.35 -7.90 -23.09
C GLN A 325 33.83 -6.70 -22.28
N GLN A 326 32.59 -6.30 -22.51
CA GLN A 326 31.96 -5.30 -21.67
C GLN A 326 31.55 -5.84 -20.32
N PHE A 327 31.33 -7.16 -20.20
CA PHE A 327 30.99 -7.73 -18.90
C PHE A 327 32.22 -7.87 -18.02
N LEU A 328 33.34 -8.28 -18.60
CA LEU A 328 34.57 -8.44 -17.84
C LEU A 328 35.16 -7.11 -17.41
N THR A 329 34.87 -6.04 -18.14
CA THR A 329 35.42 -4.74 -17.77
C THR A 329 34.70 -4.17 -16.55
N VAL A 330 33.39 -4.36 -16.47
CA VAL A 330 32.60 -3.82 -15.36
C VAL A 330 32.93 -4.55 -14.06
N LEU A 331 33.26 -5.85 -14.13
CA LEU A 331 33.68 -6.57 -12.94
C LEU A 331 35.03 -6.11 -12.41
N SER A 332 35.85 -5.48 -13.24
CA SER A 332 37.14 -4.96 -12.82
C SER A 332 37.08 -3.49 -12.41
N GLN A 333 35.89 -2.91 -12.32
CA GLN A 333 35.72 -1.52 -11.94
C GLN A 333 35.71 -1.41 -10.42
N ARG A 334 35.30 -0.25 -9.92
CA ARG A 334 35.11 -0.02 -8.49
C ARG A 334 33.63 0.22 -8.23
N ASN A 335 33.00 -0.68 -7.50
CA ASN A 335 31.59 -0.58 -7.17
C ASN A 335 31.46 -0.30 -5.68
N ILE A 336 30.94 0.88 -5.34
CA ILE A 336 30.61 1.15 -3.95
C ILE A 336 29.32 0.45 -3.57
N ARG A 337 28.49 0.09 -4.55
CA ARG A 337 27.22 -0.56 -4.32
C ARG A 337 27.38 -2.07 -4.56
N THR A 338 26.30 -2.81 -4.38
CA THR A 338 26.32 -4.26 -4.42
C THR A 338 25.57 -4.82 -5.61
N HIS A 339 25.53 -4.08 -6.72
CA HIS A 339 24.80 -4.51 -7.90
C HIS A 339 25.27 -3.68 -9.08
N ILE A 340 25.11 -4.25 -10.28
CA ILE A 340 25.39 -3.52 -11.51
C ILE A 340 24.12 -3.47 -12.34
N THR A 341 24.17 -2.66 -13.38
CA THR A 341 23.03 -2.40 -14.25
C THR A 341 23.36 -2.94 -15.63
N LEU A 342 22.32 -3.37 -16.36
CA LEU A 342 22.48 -3.76 -17.75
C LEU A 342 23.00 -2.61 -18.62
N ASN A 343 22.66 -1.37 -18.26
CA ASN A 343 23.18 -0.22 -19.00
C ASN A 343 24.68 -0.03 -18.77
N ASP A 344 25.21 -0.51 -17.65
CA ASP A 344 26.65 -0.48 -17.44
C ASP A 344 27.37 -1.48 -18.34
N ILE A 345 26.68 -2.52 -18.78
CA ILE A 345 27.25 -3.50 -19.70
C ILE A 345 26.85 -3.18 -21.14
N THR A 346 26.49 -1.96 -21.40
CA THR A 346 26.21 -1.53 -22.77
C THR A 346 26.97 -0.27 -23.12
N SER A 347 27.13 0.65 -22.18
CA SER A 347 27.80 1.93 -22.41
C SER A 347 29.20 1.95 -21.80
N CYS A 348 29.91 0.83 -21.86
CA CYS A 348 31.24 0.74 -21.30
C CYS A 348 32.29 0.82 -22.40
N SER A 349 33.55 0.96 -21.99
CA SER A 349 34.67 1.10 -22.91
C SER A 349 35.19 -0.28 -23.29
N ILE A 350 36.38 -0.34 -23.91
CA ILE A 350 36.86 -1.57 -24.51
C ILE A 350 38.37 -1.70 -24.27
N ASP A 351 38.84 -2.95 -24.26
CA ASP A 351 40.24 -3.32 -24.03
C ASP A 351 40.66 -4.37 -25.04
N SER A 352 41.75 -5.09 -24.78
CA SER A 352 42.21 -6.14 -25.68
C SER A 352 42.80 -7.31 -24.92
N GLU A 353 42.26 -8.53 -25.13
CA GLU A 353 40.92 -8.71 -25.70
C GLU A 353 39.97 -9.54 -24.81
N SER A 354 40.30 -10.79 -24.47
CA SER A 354 39.45 -11.62 -23.63
C SER A 354 40.18 -12.18 -22.43
N ILE A 355 41.36 -12.76 -22.69
CA ILE A 355 42.08 -13.52 -21.66
C ILE A 355 42.68 -12.57 -20.64
N ALA A 356 43.26 -11.46 -21.09
CA ALA A 356 43.81 -10.47 -20.18
C ALA A 356 42.74 -9.73 -19.41
N ASN A 357 41.49 -9.72 -19.91
CA ASN A 357 40.38 -9.18 -19.13
C ASN A 357 40.03 -10.09 -17.95
N LYS A 358 40.33 -11.38 -18.06
CA LYS A 358 40.01 -12.31 -16.99
C LYS A 358 41.14 -12.46 -15.98
N ILE A 359 42.38 -12.28 -16.41
CA ILE A 359 43.51 -12.38 -15.49
C ILE A 359 43.54 -11.18 -14.56
N GLU A 360 43.16 -10.00 -15.06
CA GLU A 360 43.04 -8.84 -14.21
C GLU A 360 41.81 -8.88 -13.31
N ARG A 361 40.87 -9.79 -13.58
CA ARG A 361 39.64 -9.83 -12.81
C ARG A 361 39.77 -10.78 -11.62
N VAL A 362 40.61 -11.82 -11.75
CA VAL A 362 40.81 -12.75 -10.63
C VAL A 362 41.65 -12.15 -9.53
N LYS A 363 42.31 -11.02 -9.77
CA LYS A 363 43.07 -10.32 -8.76
C LYS A 363 42.25 -9.25 -8.05
N HIS A 364 41.25 -8.70 -8.72
CA HIS A 364 40.40 -7.67 -8.13
C HIS A 364 39.24 -8.29 -7.35
N ASP B 2 -9.98 4.02 36.47
CA ASP B 2 -11.35 4.46 36.25
C ASP B 2 -11.67 5.66 37.11
N ASN B 3 -10.75 6.02 38.00
CA ASN B 3 -10.97 7.04 39.02
C ASN B 3 -9.96 8.15 38.80
N GLU B 4 -10.37 9.15 38.02
CA GLU B 4 -9.60 10.36 37.84
C GLU B 4 -10.58 11.49 37.59
N VAL B 5 -10.19 12.70 37.94
CA VAL B 5 -11.06 13.86 37.77
C VAL B 5 -10.89 14.37 36.36
N THR B 6 -11.91 14.16 35.53
CA THR B 6 -11.86 14.56 34.13
C THR B 6 -13.15 15.27 33.77
N ALA B 7 -13.13 15.93 32.62
CA ALA B 7 -14.27 16.69 32.11
C ALA B 7 -14.51 16.36 30.65
N GLU B 8 -14.56 15.07 30.35
CA GLU B 8 -14.72 14.60 28.99
C GLU B 8 -16.04 13.85 28.86
N GLY B 9 -16.69 14.01 27.73
CA GLY B 9 -17.96 13.35 27.48
C GLY B 9 -18.87 14.22 26.64
N GLY B 10 -19.49 13.62 25.62
CA GLY B 10 -20.31 14.39 24.71
C GLY B 10 -21.60 13.71 24.33
N LYS B 11 -21.84 13.56 23.03
CA LYS B 11 -23.13 13.12 22.54
C LYS B 11 -23.20 11.62 22.27
N LEU B 12 -22.07 10.90 22.30
CA LEU B 12 -22.01 9.48 22.01
C LEU B 12 -22.61 9.12 20.64
N VAL B 13 -21.84 9.32 19.58
CA VAL B 13 -22.25 9.60 18.19
C VAL B 13 -23.35 8.78 17.54
N GLN B 14 -23.88 7.76 18.24
CA GLN B 14 -25.12 7.12 17.82
C GLN B 14 -26.25 8.12 17.61
N GLU B 15 -26.32 9.17 18.45
CA GLU B 15 -27.36 10.18 18.32
C GLU B 15 -27.12 11.18 17.21
N LEU B 16 -25.96 11.20 16.59
CA LEU B 16 -25.76 12.09 15.45
C LEU B 16 -26.43 11.49 14.22
N VAL B 17 -26.67 12.34 13.21
CA VAL B 17 -27.43 11.94 12.04
C VAL B 17 -26.54 12.16 10.82
N TYR B 18 -25.72 11.18 10.48
CA TYR B 18 -25.22 11.18 9.11
C TYR B 18 -25.39 9.85 8.37
N ASP B 19 -24.59 8.84 8.64
CA ASP B 19 -24.83 7.51 8.06
C ASP B 19 -24.46 6.36 8.96
N HIS B 20 -23.29 6.48 9.60
CA HIS B 20 -22.62 5.51 10.48
C HIS B 20 -22.23 4.21 9.80
N SER B 21 -22.36 4.10 8.49
CA SER B 21 -21.86 2.92 7.80
C SER B 21 -20.95 3.36 6.67
N ALA B 22 -21.29 4.49 6.05
CA ALA B 22 -20.39 5.12 5.10
C ALA B 22 -19.35 5.95 5.82
N ILE B 23 -19.68 6.46 7.00
CA ILE B 23 -18.72 7.12 7.87
C ILE B 23 -18.67 6.28 9.14
N PRO B 24 -17.83 5.25 9.18
CA PRO B 24 -17.89 4.31 10.29
C PRO B 24 -17.24 4.88 11.54
N VAL B 25 -17.75 4.45 12.70
CA VAL B 25 -17.24 4.97 13.95
C VAL B 25 -15.97 4.24 14.39
N ALA B 26 -15.83 2.96 14.06
CA ALA B 26 -14.62 2.19 14.40
C ALA B 26 -14.46 1.06 13.41
N PRO B 27 -13.89 1.34 12.25
CA PRO B 27 -13.71 0.28 11.25
C PRO B 27 -12.62 -0.70 11.67
N VAL B 28 -12.73 -1.92 11.15
CA VAL B 28 -11.76 -2.94 11.46
C VAL B 28 -10.47 -2.65 10.68
N VAL B 29 -9.36 -3.23 11.14
CA VAL B 29 -8.01 -2.70 10.91
C VAL B 29 -7.60 -2.73 9.44
N GLU B 30 -8.07 -3.69 8.66
CA GLU B 30 -7.72 -3.68 7.25
C GLU B 30 -8.95 -3.76 6.36
N THR B 31 -10.12 -3.48 6.90
CA THR B 31 -11.34 -3.61 6.12
C THR B 31 -11.58 -2.32 5.35
N GLN B 32 -12.62 -2.34 4.52
CA GLN B 32 -12.97 -1.21 3.67
C GLN B 32 -14.35 -0.72 4.08
N ALA B 33 -14.58 0.58 3.94
CA ALA B 33 -15.85 1.14 4.35
C ALA B 33 -16.94 0.82 3.33
N GLU B 34 -18.19 1.10 3.72
CA GLU B 34 -19.32 0.81 2.85
C GLU B 34 -19.50 1.89 1.80
N GLN B 35 -20.17 1.52 0.74
CA GLN B 35 -20.45 2.48 -0.30
C GLN B 35 -21.62 3.37 0.13
N PRO B 36 -21.51 4.68 -0.07
CA PRO B 36 -22.61 5.57 0.32
C PRO B 36 -23.82 5.46 -0.58
N GLU B 37 -24.89 6.11 -0.14
CA GLU B 37 -26.17 6.09 -0.81
C GLU B 37 -26.25 7.16 -1.88
N VAL B 38 -27.02 6.89 -2.93
CA VAL B 38 -27.15 7.79 -4.07
C VAL B 38 -28.06 8.96 -3.71
N PRO B 39 -27.96 10.10 -4.39
CA PRO B 39 -28.95 11.15 -4.18
C PRO B 39 -30.33 10.76 -4.66
N VAL B 40 -30.40 10.06 -5.79
CA VAL B 40 -31.66 9.64 -6.36
C VAL B 40 -31.36 8.39 -7.19
N SER B 41 -32.38 7.58 -7.43
CA SER B 41 -32.20 6.32 -8.13
C SER B 41 -31.97 6.46 -9.62
N LEU B 42 -31.99 7.66 -10.17
CA LEU B 42 -31.93 7.87 -11.61
C LEU B 42 -30.60 8.39 -12.09
N VAL B 43 -29.59 8.43 -11.23
CA VAL B 43 -28.27 8.87 -11.63
C VAL B 43 -27.41 7.64 -11.92
N ALA B 44 -26.26 7.86 -12.55
CA ALA B 44 -25.37 6.77 -12.88
C ALA B 44 -24.69 6.25 -11.63
N THR B 45 -24.30 4.98 -11.67
CA THR B 45 -23.69 4.35 -10.51
C THR B 45 -22.52 3.49 -10.96
N ARG B 46 -21.64 3.19 -10.02
CA ARG B 46 -20.41 2.45 -10.28
C ARG B 46 -19.91 1.88 -8.97
N LYS B 47 -18.73 1.27 -9.01
CA LYS B 47 -18.05 0.85 -7.79
C LYS B 47 -17.38 2.05 -7.16
N ASN B 48 -17.32 2.10 -5.84
CA ASN B 48 -16.69 3.24 -5.19
C ASN B 48 -15.18 3.14 -5.26
N ASP B 49 -14.53 4.28 -5.47
CA ASP B 49 -13.08 4.36 -5.40
C ASP B 49 -12.63 5.21 -4.21
N THR B 50 -13.43 5.22 -3.16
CA THR B 50 -13.12 5.99 -1.97
C THR B 50 -13.28 5.15 -0.71
N GLY B 51 -13.24 3.83 -0.85
CA GLY B 51 -13.51 2.94 0.27
C GLY B 51 -12.43 2.87 1.33
N HIS B 52 -11.17 2.73 0.91
CA HIS B 52 -10.08 2.73 1.88
C HIS B 52 -9.80 4.12 2.41
N LEU B 53 -10.10 5.14 1.62
CA LEU B 53 -9.82 6.50 2.04
C LEU B 53 -10.85 6.98 3.07
N ALA B 54 -12.04 6.40 3.06
CA ALA B 54 -13.08 6.79 3.99
C ALA B 54 -12.96 6.13 5.34
N THR B 55 -11.83 5.54 5.67
CA THR B 55 -11.58 4.95 6.97
C THR B 55 -10.46 5.65 7.71
N LYS B 56 -10.21 6.92 7.38
CA LYS B 56 -9.03 7.62 7.85
C LYS B 56 -9.39 9.08 8.11
N TRP B 57 -9.30 9.52 9.36
CA TRP B 57 -9.44 10.94 9.65
C TRP B 57 -8.11 11.61 9.42
N TYR B 58 -8.06 12.57 8.52
CA TYR B 58 -6.81 13.18 8.09
C TYR B 58 -6.68 14.56 8.71
N ASP B 59 -5.47 14.89 9.16
CA ASP B 59 -5.17 16.18 9.77
C ASP B 59 -5.27 17.29 8.74
N PHE B 60 -6.25 18.17 8.90
CA PHE B 60 -6.44 19.26 7.95
C PHE B 60 -5.94 20.62 8.46
N ALA B 61 -6.52 21.13 9.54
CA ALA B 61 -6.18 22.47 10.01
C ALA B 61 -6.44 22.58 11.49
N LYS B 62 -5.80 23.56 12.13
CA LYS B 62 -5.95 23.81 13.54
C LYS B 62 -6.55 25.19 13.74
N ILE B 63 -7.58 25.28 14.58
CA ILE B 63 -8.23 26.54 14.88
C ILE B 63 -8.12 26.80 16.38
N SER B 64 -7.98 28.07 16.74
CA SER B 64 -7.82 28.49 18.13
C SER B 64 -9.16 28.97 18.66
N LEU B 65 -9.45 28.60 19.90
CA LEU B 65 -10.77 28.81 20.50
C LEU B 65 -10.63 29.70 21.73
N SER B 66 -10.63 31.00 21.50
CA SER B 66 -10.44 31.98 22.54
C SER B 66 -11.78 32.61 22.94
N ASN B 67 -11.72 33.54 23.86
CA ASN B 67 -12.88 34.31 24.29
C ASN B 67 -13.32 35.22 23.16
N PRO B 68 -14.53 35.08 22.62
CA PRO B 68 -14.93 35.91 21.48
C PRO B 68 -15.29 37.31 21.91
N ALA B 69 -15.04 38.25 21.01
CA ALA B 69 -15.39 39.65 21.23
C ALA B 69 -16.62 40.07 20.45
N ASN B 70 -16.62 39.85 19.14
CA ASN B 70 -17.75 40.16 18.29
C ASN B 70 -18.65 38.93 18.15
N MET B 71 -19.58 39.00 17.21
CA MET B 71 -20.58 37.96 17.02
C MET B 71 -20.43 37.31 15.64
N ASN B 72 -19.39 37.66 14.91
CA ASN B 72 -19.21 37.27 13.52
C ASN B 72 -18.83 35.80 13.39
N TRP B 73 -19.10 35.25 12.21
CA TRP B 73 -18.70 33.90 11.87
C TRP B 73 -17.27 33.89 11.34
N THR B 74 -16.76 32.70 11.08
CA THR B 74 -15.40 32.51 10.59
C THR B 74 -15.42 31.36 9.61
N THR B 75 -15.08 31.61 8.36
CA THR B 75 -15.23 30.63 7.30
C THR B 75 -13.95 29.82 7.15
N LEU B 76 -14.10 28.50 7.06
CA LEU B 76 -12.98 27.59 6.81
C LEU B 76 -13.21 26.89 5.48
N THR B 77 -12.41 27.24 4.49
CA THR B 77 -12.60 26.75 3.13
C THR B 77 -11.79 25.49 2.90
N ILE B 78 -12.46 24.44 2.41
CA ILE B 78 -11.85 23.14 2.17
C ILE B 78 -12.00 22.85 0.69
N ASP B 79 -10.93 23.03 -0.08
CA ASP B 79 -10.96 22.74 -1.50
C ASP B 79 -10.16 21.48 -1.75
N PRO B 80 -10.79 20.32 -1.90
CA PRO B 80 -10.05 19.06 -1.95
C PRO B 80 -9.34 18.81 -3.27
N TYR B 81 -9.50 19.70 -4.25
CA TYR B 81 -8.94 19.48 -5.57
C TYR B 81 -7.54 20.07 -5.72
N ASN B 82 -7.33 21.28 -5.22
CA ASN B 82 -6.04 21.96 -5.35
C ASN B 82 -5.70 22.61 -4.01
N ASN B 83 -4.98 21.88 -3.18
CA ASN B 83 -4.65 22.30 -1.83
C ASN B 83 -3.43 21.51 -1.40
N VAL B 84 -2.32 22.17 -1.12
CA VAL B 84 -1.14 21.39 -0.78
C VAL B 84 -1.12 21.13 0.72
N THR B 85 -2.10 20.36 1.16
CA THR B 85 -2.12 19.63 2.42
C THR B 85 -2.78 18.28 2.24
N LEU B 86 -3.64 18.17 1.25
CA LEU B 86 -4.42 16.98 0.95
C LEU B 86 -3.82 16.22 -0.22
N SER B 87 -2.64 16.64 -0.69
CA SER B 87 -1.95 16.00 -1.80
C SER B 87 -0.48 15.89 -1.42
N ARG B 88 -0.12 14.83 -0.70
CA ARG B 88 1.27 14.75 -0.26
C ARG B 88 2.08 13.78 -1.10
N ASP B 89 1.78 12.48 -0.95
CA ASP B 89 2.37 11.33 -1.64
C ASP B 89 1.69 10.09 -1.12
N GLY B 90 1.63 9.04 -1.94
CA GLY B 90 0.95 7.84 -1.51
C GLY B 90 -0.55 8.06 -1.52
N GLU B 91 -1.20 7.50 -0.51
CA GLU B 91 -2.65 7.59 -0.42
C GLU B 91 -3.02 8.93 0.17
N SER B 92 -3.30 9.90 -0.67
CA SER B 92 -3.80 11.19 -0.21
C SER B 92 -5.27 11.33 -0.57
N MET B 93 -5.84 12.47 -0.20
CA MET B 93 -7.27 12.63 -0.36
C MET B 93 -7.66 13.15 -1.72
N VAL B 94 -6.75 13.82 -2.42
CA VAL B 94 -7.05 14.35 -3.75
C VAL B 94 -7.17 13.26 -4.81
N LEU B 95 -6.79 12.02 -4.50
CA LEU B 95 -6.75 10.96 -5.49
C LEU B 95 -8.10 10.55 -6.09
N PRO B 96 -9.22 10.52 -5.38
CA PRO B 96 -10.49 10.32 -6.10
C PRO B 96 -10.92 11.53 -6.90
N TRP B 97 -10.48 12.74 -6.53
CA TRP B 97 -10.87 13.93 -7.26
C TRP B 97 -10.03 14.18 -8.50
N ARG B 98 -9.05 13.33 -8.80
CA ARG B 98 -8.26 13.47 -10.01
C ARG B 98 -8.28 12.23 -10.88
N ARG B 99 -9.14 11.27 -10.59
CA ARG B 99 -9.40 10.14 -11.44
C ARG B 99 -10.77 10.19 -12.06
N ASN B 100 -11.51 11.28 -11.88
CA ASN B 100 -12.93 11.30 -12.17
C ASN B 100 -13.32 12.63 -12.78
N VAL B 101 -14.44 12.62 -13.49
CA VAL B 101 -14.96 13.83 -14.12
C VAL B 101 -16.03 14.49 -13.27
N TRP B 102 -16.91 13.70 -12.64
CA TRP B 102 -18.02 14.25 -11.88
C TRP B 102 -17.96 13.77 -10.44
N THR B 103 -18.61 14.51 -9.55
CA THR B 103 -18.71 14.07 -8.17
C THR B 103 -19.97 14.59 -7.50
N THR B 104 -20.47 13.84 -6.52
CA THR B 104 -21.68 14.24 -5.82
C THR B 104 -21.65 13.70 -4.40
N GLY B 105 -22.69 14.02 -3.65
CA GLY B 105 -22.83 13.53 -2.30
C GLY B 105 -24.12 12.79 -2.08
N SER B 106 -24.69 12.95 -0.89
CA SER B 106 -25.90 12.24 -0.50
C SER B 106 -26.95 13.24 -0.06
N LYS B 107 -28.20 12.83 -0.10
CA LYS B 107 -29.31 13.74 0.14
C LYS B 107 -30.17 13.21 1.29
N SER B 108 -29.53 12.69 2.33
CA SER B 108 -30.25 12.11 3.45
C SER B 108 -30.92 13.15 4.33
N ILE B 109 -30.48 14.40 4.28
CA ILE B 109 -31.08 15.45 5.08
C ILE B 109 -32.05 16.31 4.27
N GLY B 110 -31.97 16.28 2.94
CA GLY B 110 -32.85 17.11 2.14
C GLY B 110 -32.08 17.97 1.18
N TYR B 111 -30.76 17.95 1.30
CA TYR B 111 -29.88 18.63 0.37
C TYR B 111 -28.56 17.87 0.28
N ILE B 112 -27.87 18.08 -0.84
CA ILE B 112 -26.61 17.40 -1.09
C ILE B 112 -25.55 17.90 -0.12
N ARG B 113 -24.76 16.97 0.43
CA ARG B 113 -23.88 17.31 1.54
C ARG B 113 -22.70 16.35 1.49
N THR B 114 -21.57 16.80 0.93
CA THR B 114 -20.50 15.87 0.59
C THR B 114 -19.49 15.56 1.69
N MET B 115 -18.59 16.47 2.03
CA MET B 115 -17.48 16.04 2.88
C MET B 115 -17.81 16.23 4.35
N VAL B 116 -17.22 15.39 5.18
CA VAL B 116 -17.51 15.37 6.61
C VAL B 116 -16.26 15.80 7.37
N ALA B 117 -16.47 16.55 8.45
CA ALA B 117 -15.38 17.04 9.28
C ALA B 117 -15.64 16.68 10.74
N GLN B 118 -14.59 16.28 11.45
CA GLN B 118 -14.68 15.95 12.86
C GLN B 118 -13.97 17.02 13.67
N ILE B 119 -14.62 17.50 14.72
CA ILE B 119 -14.02 18.44 15.66
C ILE B 119 -14.11 17.79 17.03
N ASN B 120 -12.99 17.23 17.48
CA ASN B 120 -12.88 16.66 18.81
C ASN B 120 -12.09 17.63 19.68
N ILE B 121 -12.55 17.85 20.90
CA ILE B 121 -12.00 18.89 21.74
C ILE B 121 -11.47 18.32 23.05
N PRO B 122 -10.17 18.38 23.32
CA PRO B 122 -9.69 18.06 24.67
C PRO B 122 -9.66 19.30 25.53
N ARG B 123 -10.02 19.14 26.80
CA ARG B 123 -10.04 20.30 27.67
C ARG B 123 -9.62 19.92 29.08
N PRO B 124 -8.97 20.83 29.80
CA PRO B 124 -8.86 20.71 31.23
C PRO B 124 -10.19 21.07 31.88
N PRO B 125 -10.39 20.74 33.16
CA PRO B 125 -11.70 21.05 33.78
C PRO B 125 -11.93 22.53 34.04
N GLN B 126 -10.96 23.41 33.82
CA GLN B 126 -11.08 24.81 34.20
C GLN B 126 -11.55 25.69 33.04
N ILE B 127 -12.16 25.11 32.01
CA ILE B 127 -12.69 25.89 30.90
C ILE B 127 -13.90 25.15 30.35
N SER B 128 -14.89 25.91 29.90
CA SER B 128 -16.12 25.32 29.39
C SER B 128 -16.71 26.25 28.34
N GLY B 129 -17.50 25.68 27.44
CA GLY B 129 -18.10 26.48 26.39
C GLY B 129 -18.62 25.62 25.26
N VAL B 130 -19.23 26.30 24.29
CA VAL B 130 -19.87 25.65 23.15
C VAL B 130 -19.33 26.26 21.87
N LEU B 131 -18.93 25.42 20.93
CA LEU B 131 -18.57 25.82 19.58
C LEU B 131 -19.76 25.58 18.66
N GLU B 132 -20.06 26.56 17.82
CA GLU B 132 -21.21 26.51 16.93
C GLU B 132 -20.73 26.42 15.49
N VAL B 133 -21.09 25.34 14.81
CA VAL B 133 -20.59 25.07 13.46
C VAL B 133 -21.77 25.06 12.50
N LYS B 134 -21.74 25.96 11.53
CA LYS B 134 -22.79 26.05 10.51
C LYS B 134 -22.36 25.31 9.26
N ASP B 135 -23.35 24.67 8.62
CA ASP B 135 -23.13 23.65 7.61
C ASP B 135 -22.60 24.24 6.30
N SER B 136 -22.80 25.54 6.08
CA SER B 136 -22.38 26.23 4.86
C SER B 136 -22.40 27.74 5.13
N ILE B 137 -22.33 28.52 4.06
CA ILE B 137 -22.45 29.97 4.18
C ILE B 137 -23.90 30.39 4.37
N ASN B 138 -24.83 29.64 3.81
CA ASN B 138 -26.24 29.97 3.85
C ASN B 138 -26.81 29.57 5.21
N ASN B 139 -28.11 29.80 5.42
CA ASN B 139 -28.70 29.52 6.73
C ASN B 139 -29.07 28.04 6.85
N SER B 140 -28.03 27.21 6.87
CA SER B 140 -28.19 25.78 6.85
C SER B 140 -28.25 25.24 8.27
N SER B 141 -28.09 23.93 8.43
CA SER B 141 -28.19 23.30 9.73
C SER B 141 -26.99 23.62 10.61
N ILE B 142 -27.22 23.57 11.92
CA ILE B 142 -26.26 24.01 12.92
C ILE B 142 -25.87 22.81 13.77
N SER B 143 -24.58 22.64 14.02
CA SER B 143 -24.08 21.62 14.94
C SER B 143 -23.38 22.29 16.10
N LEU B 144 -23.80 21.97 17.32
CA LEU B 144 -23.23 22.54 18.52
C LEU B 144 -22.20 21.58 19.10
N VAL B 145 -21.03 22.09 19.43
CA VAL B 145 -19.93 21.27 19.93
C VAL B 145 -19.62 21.76 21.33
N GLU B 146 -20.00 20.99 22.34
CA GLU B 146 -19.56 21.30 23.69
C GLU B 146 -18.06 21.08 23.80
N PHE B 147 -17.41 21.91 24.60
CA PHE B 147 -15.99 21.70 24.84
C PHE B 147 -15.81 20.41 25.64
N GLY B 148 -14.83 19.61 25.25
CA GLY B 148 -14.71 18.31 25.85
C GLY B 148 -15.55 17.24 25.18
N GLY B 149 -15.95 17.45 23.93
CA GLY B 149 -16.82 16.53 23.24
C GLY B 149 -16.41 16.35 21.78
N LYS B 150 -17.12 15.46 21.10
CA LYS B 150 -16.81 15.08 19.73
C LYS B 150 -18.06 15.18 18.88
N VAL B 151 -17.91 15.64 17.65
CA VAL B 151 -19.03 15.74 16.72
C VAL B 151 -18.47 15.62 15.31
N GLU B 152 -19.30 15.14 14.39
CA GLU B 152 -18.98 15.08 12.98
C GLU B 152 -19.97 15.91 12.20
N ILE B 153 -19.47 16.72 11.27
CA ILE B 153 -20.30 17.66 10.54
C ILE B 153 -20.15 17.43 9.04
N PRO B 154 -21.12 16.85 8.35
CA PRO B 154 -21.07 16.85 6.89
C PRO B 154 -21.34 18.24 6.32
N ILE B 155 -20.70 18.54 5.18
CA ILE B 155 -20.64 19.90 4.67
C ILE B 155 -21.31 19.98 3.30
N ILE B 156 -22.06 21.05 3.06
CA ILE B 156 -22.61 21.35 1.72
C ILE B 156 -21.49 21.84 0.82
N PRO B 157 -21.46 21.48 -0.46
CA PRO B 157 -20.58 22.18 -1.39
C PRO B 157 -21.00 23.63 -1.58
N LYS B 158 -20.03 24.47 -1.94
CA LYS B 158 -20.28 25.89 -2.11
C LYS B 158 -21.19 26.16 -3.30
N VAL B 159 -21.16 25.28 -4.27
CA VAL B 159 -22.01 25.38 -5.45
C VAL B 159 -23.48 25.20 -5.11
N MET B 160 -23.79 24.29 -4.20
CA MET B 160 -25.18 23.94 -3.94
C MET B 160 -25.72 24.58 -2.67
N ASN B 161 -25.18 25.71 -2.24
CA ASN B 161 -25.70 26.34 -1.03
C ASN B 161 -26.94 27.20 -1.30
N GLY B 162 -27.34 27.35 -2.55
CA GLY B 162 -28.53 28.10 -2.89
C GLY B 162 -28.28 29.53 -3.29
N LEU B 163 -27.14 30.10 -2.92
CA LEU B 163 -26.86 31.49 -3.26
C LEU B 163 -26.58 31.64 -4.74
N ALA B 164 -26.94 32.80 -5.28
CA ALA B 164 -26.68 33.15 -6.67
C ALA B 164 -25.39 33.96 -6.71
N THR B 165 -24.34 33.35 -7.23
CA THR B 165 -23.03 33.98 -7.30
C THR B 165 -22.72 34.39 -8.73
N THR B 166 -21.48 34.82 -8.95
CA THR B 166 -21.06 35.25 -10.27
C THR B 166 -20.92 34.07 -11.22
N ALA B 167 -20.49 32.91 -10.72
CA ALA B 167 -20.32 31.75 -11.59
C ALA B 167 -21.66 31.19 -12.01
N SER B 168 -22.39 30.57 -11.06
CA SER B 168 -23.79 30.18 -11.14
C SER B 168 -24.23 29.52 -12.44
N LEU B 169 -23.72 28.35 -12.73
CA LEU B 169 -24.11 27.68 -13.96
C LEU B 169 -25.48 27.04 -13.82
N PRO B 170 -26.19 26.83 -14.94
CA PRO B 170 -27.50 26.18 -14.86
C PRO B 170 -27.47 24.73 -14.38
N ARG B 171 -26.37 24.01 -14.57
CA ARG B 171 -26.30 22.64 -14.07
C ARG B 171 -26.10 22.58 -12.57
N HIS B 172 -25.83 23.70 -11.91
CA HIS B 172 -25.60 23.70 -10.48
C HIS B 172 -26.87 23.50 -9.68
N ARG B 173 -28.00 23.99 -10.17
CA ARG B 173 -29.26 23.82 -9.49
C ARG B 173 -30.07 22.65 -10.02
N LEU B 174 -29.69 22.09 -11.16
CA LEU B 174 -30.52 21.10 -11.83
C LEU B 174 -30.00 19.69 -11.74
N ASN B 175 -28.70 19.51 -11.56
CA ASN B 175 -28.02 18.24 -11.69
C ASN B 175 -27.34 17.97 -10.36
N PRO B 176 -27.35 16.89 -9.92
CA PRO B 176 -26.45 16.59 -8.80
C PRO B 176 -25.11 16.01 -9.24
N TRP B 177 -24.31 16.74 -10.03
CA TRP B 177 -23.06 16.09 -10.40
C TRP B 177 -21.77 16.87 -10.40
N MET B 178 -21.73 18.22 -10.31
CA MET B 178 -20.55 18.98 -9.87
C MET B 178 -19.19 18.60 -10.44
N ARG B 179 -18.89 18.98 -11.67
CA ARG B 179 -17.58 18.86 -12.30
C ARG B 179 -16.45 19.08 -11.30
N THR B 180 -15.52 18.13 -11.24
CA THR B 180 -14.80 17.82 -10.00
C THR B 180 -13.93 18.97 -9.50
N ALA B 181 -13.46 19.82 -10.40
CA ALA B 181 -12.60 20.93 -9.95
C ALA B 181 -13.38 22.02 -9.24
N GLU B 182 -14.67 22.15 -9.52
CA GLU B 182 -15.54 23.07 -8.78
C GLU B 182 -16.35 22.28 -7.76
N SER B 183 -15.68 21.88 -6.68
CA SER B 183 -16.31 21.07 -5.64
C SER B 183 -15.84 21.48 -4.25
N LYS B 184 -15.50 22.75 -4.07
CA LYS B 184 -15.01 23.20 -2.79
C LYS B 184 -16.16 23.28 -1.78
N VAL B 185 -15.87 22.89 -0.56
CA VAL B 185 -16.82 22.98 0.53
C VAL B 185 -16.26 23.98 1.53
N GLU B 186 -17.15 24.54 2.33
CA GLU B 186 -16.73 25.47 3.37
C GLU B 186 -17.77 25.50 4.47
N LEU B 187 -17.29 25.55 5.71
CA LEU B 187 -18.13 25.66 6.87
C LEU B 187 -17.80 26.96 7.59
N GLN B 188 -18.72 27.41 8.43
CA GLN B 188 -18.49 28.56 9.27
C GLN B 188 -18.60 28.17 10.73
N TYR B 189 -17.78 28.79 11.57
CA TYR B 189 -17.81 28.51 12.99
C TYR B 189 -17.67 29.80 13.77
N ARG B 190 -18.14 29.76 15.02
CA ARG B 190 -17.90 30.82 15.97
C ARG B 190 -18.07 30.26 17.37
N ILE B 191 -17.48 30.95 18.34
CA ILE B 191 -17.66 30.60 19.74
C ILE B 191 -18.96 31.23 20.21
N ILE B 192 -19.88 30.40 20.68
CA ILE B 192 -21.19 30.87 21.10
C ILE B 192 -21.34 30.88 22.62
N ALA B 193 -20.51 30.15 23.35
CA ALA B 193 -20.49 30.23 24.81
C ALA B 193 -19.07 30.03 25.28
N PHE B 194 -18.69 30.72 26.37
CA PHE B 194 -17.32 30.63 26.85
C PHE B 194 -17.27 31.10 28.29
N ASN B 195 -16.65 30.29 29.15
CA ASN B 195 -16.27 30.67 30.50
C ASN B 195 -14.94 30.01 30.81
N ARG B 196 -14.09 30.69 31.56
CA ARG B 196 -12.79 30.13 31.88
C ARG B 196 -12.36 30.61 33.25
N THR B 197 -11.21 30.14 33.70
CA THR B 197 -10.54 30.63 34.89
C THR B 197 -9.20 31.25 34.49
N SER B 198 -8.39 31.57 35.49
CA SER B 198 -7.09 32.20 35.26
C SER B 198 -5.99 31.22 34.91
N ASP B 199 -6.32 29.99 34.55
CA ASP B 199 -5.32 28.96 34.29
C ASP B 199 -5.06 28.77 32.81
N ILE B 200 -6.11 28.53 32.02
CA ILE B 200 -6.00 28.30 30.60
C ILE B 200 -6.77 29.40 29.88
N ALA B 201 -6.33 29.75 28.69
CA ALA B 201 -7.06 30.73 27.90
C ALA B 201 -7.15 30.42 26.41
N ASP B 202 -6.51 29.36 25.91
CA ASP B 202 -6.26 29.23 24.48
C ASP B 202 -7.08 28.13 23.82
N LEU B 203 -6.91 26.87 24.26
CA LEU B 203 -7.73 25.72 23.88
C LEU B 203 -7.67 25.48 22.35
N ASN B 204 -6.49 25.06 21.90
CA ASN B 204 -6.30 24.71 20.48
C ASN B 204 -6.98 23.39 20.16
N VAL B 205 -7.68 23.33 19.03
CA VAL B 205 -8.26 22.08 18.54
C VAL B 205 -7.85 21.86 17.09
N SER B 206 -8.14 20.67 16.60
CA SER B 206 -7.75 20.24 15.26
C SER B 206 -8.99 19.76 14.51
N VAL B 207 -8.94 19.83 13.19
CA VAL B 207 -10.06 19.49 12.34
C VAL B 207 -9.67 18.30 11.48
N LEU B 208 -10.38 17.20 11.65
CA LEU B 208 -10.12 15.98 10.91
C LEU B 208 -11.13 15.82 9.77
N LEU B 209 -10.68 15.20 8.69
CA LEU B 209 -11.36 15.42 7.41
C LEU B 209 -11.56 14.16 6.58
N ARG B 210 -12.21 13.14 7.09
CA ARG B 210 -12.63 11.98 6.30
C ARG B 210 -13.49 12.40 5.10
N PRO B 211 -13.32 11.79 3.94
CA PRO B 211 -14.12 12.16 2.76
C PRO B 211 -15.39 11.35 2.62
N GLY B 212 -16.19 11.31 3.69
CA GLY B 212 -17.36 10.44 3.71
C GLY B 212 -18.41 10.88 2.71
N ASP B 213 -19.23 9.92 2.31
CA ASP B 213 -20.32 9.96 1.32
C ASP B 213 -20.15 10.92 0.14
N SER B 214 -18.97 10.89 -0.46
CA SER B 214 -18.72 11.48 -1.76
C SER B 214 -18.75 10.37 -2.80
N GLN B 215 -19.31 10.68 -3.97
CA GLN B 215 -19.45 9.70 -5.03
C GLN B 215 -18.80 10.26 -6.27
N PHE B 216 -18.58 9.41 -7.27
CA PHE B 216 -17.87 9.81 -8.48
C PHE B 216 -18.50 9.11 -9.66
N GLN B 217 -18.29 9.64 -10.87
CA GLN B 217 -18.98 9.09 -12.02
C GLN B 217 -18.07 8.58 -13.13
N LEU B 218 -17.17 9.39 -13.68
CA LEU B 218 -16.59 8.99 -14.96
C LEU B 218 -15.10 8.71 -14.83
N PRO B 219 -14.67 7.46 -14.87
CA PRO B 219 -13.32 7.10 -14.41
C PRO B 219 -12.19 7.34 -15.39
N MET B 220 -11.56 8.50 -15.36
CA MET B 220 -10.34 8.65 -16.14
C MET B 220 -9.15 8.05 -15.39
N LYS B 221 -7.98 8.12 -16.00
CA LYS B 221 -6.61 7.72 -15.72
C LYS B 221 -5.90 8.84 -14.95
N PRO B 222 -5.07 8.55 -13.94
CA PRO B 222 -4.73 9.56 -12.92
C PRO B 222 -3.98 10.78 -13.42
N ASP B 223 -4.58 11.95 -13.21
CA ASP B 223 -3.98 13.21 -13.56
C ASP B 223 -2.88 13.55 -12.57
N ASN B 224 -2.04 14.52 -12.93
CA ASN B 224 -0.91 14.90 -12.09
C ASN B 224 -1.37 15.52 -10.78
N ASN B 225 -0.55 15.33 -9.76
CA ASN B 225 -0.97 15.51 -8.38
C ASN B 225 -1.03 16.98 -8.01
N VAL B 226 0.08 17.69 -8.14
CA VAL B 226 0.19 19.08 -7.71
C VAL B 226 0.55 19.92 -8.93
N ASP B 227 -0.08 21.07 -9.07
CA ASP B 227 0.25 22.04 -10.13
C ASP B 227 1.27 23.02 -9.57
N THR B 228 2.54 22.73 -9.79
CA THR B 228 3.62 23.61 -9.33
C THR B 228 4.07 24.57 -10.42
N ARG B 229 3.14 25.26 -11.10
CA ARG B 229 3.52 26.25 -12.09
C ARG B 229 3.04 27.64 -11.73
N HIS B 230 1.73 27.85 -11.59
CA HIS B 230 1.16 29.17 -11.39
C HIS B 230 -0.11 29.04 -10.58
N PHE B 231 -0.26 29.88 -9.57
CA PHE B 231 -1.37 29.79 -8.62
C PHE B 231 -2.44 30.83 -8.90
N GLU B 232 -2.34 31.51 -10.04
CA GLU B 232 -3.32 32.48 -10.50
C GLU B 232 -4.49 31.84 -11.22
N LEU B 233 -4.53 30.51 -11.27
CA LEU B 233 -5.50 29.78 -12.07
C LEU B 233 -6.90 29.87 -11.52
N VAL B 234 -7.06 30.11 -10.22
CA VAL B 234 -8.39 30.23 -9.65
C VAL B 234 -9.02 31.57 -9.96
N GLU B 235 -8.24 32.56 -10.37
CA GLU B 235 -8.82 33.83 -10.77
C GLU B 235 -9.30 33.81 -12.21
N ALA B 236 -8.68 32.99 -13.05
CA ALA B 236 -9.19 32.75 -14.40
C ALA B 236 -10.23 31.65 -14.45
N LEU B 237 -10.80 31.28 -13.31
CA LEU B 237 -11.75 30.19 -13.22
C LEU B 237 -13.04 30.58 -12.54
N MET B 238 -13.04 31.62 -11.69
CA MET B 238 -14.24 31.97 -10.94
C MET B 238 -14.59 33.45 -11.00
N TYR B 239 -14.05 34.21 -11.95
CA TYR B 239 -14.40 35.62 -12.01
C TYR B 239 -14.98 36.04 -13.36
N HIS B 240 -14.30 35.70 -14.45
CA HIS B 240 -14.83 35.75 -15.83
C HIS B 240 -15.25 37.17 -16.24
N TYR B 241 -14.23 38.02 -16.38
CA TYR B 241 -14.38 39.38 -16.92
C TYR B 241 -15.04 39.37 -18.30
N ASP B 242 -15.59 40.52 -18.67
CA ASP B 242 -16.32 40.69 -19.92
C ASP B 242 -15.46 40.52 -21.18
N MET C 1 9.07 -40.79 9.49
CA MET C 1 9.19 -40.51 10.93
C MET C 1 9.98 -39.25 11.19
N GLN C 2 9.43 -38.42 12.06
CA GLN C 2 9.99 -37.12 12.38
C GLN C 2 10.72 -37.20 13.70
N ASN C 3 11.81 -36.45 13.83
CA ASN C 3 12.50 -36.35 15.11
C ASN C 3 11.57 -35.70 16.14
N PRO C 4 11.56 -36.18 17.37
CA PRO C 4 10.52 -35.77 18.33
C PRO C 4 10.72 -34.34 18.83
N THR C 5 9.59 -33.69 19.08
CA THR C 5 9.59 -32.34 19.61
C THR C 5 9.65 -32.42 21.12
N GLN C 6 10.57 -31.69 21.73
CA GLN C 6 10.75 -31.72 23.17
C GLN C 6 10.26 -30.42 23.79
N THR C 7 9.78 -30.52 25.01
CA THR C 7 9.14 -29.42 25.71
C THR C 7 9.88 -29.12 26.99
N MET C 8 10.09 -27.85 27.29
CA MET C 8 10.57 -27.45 28.60
C MET C 8 9.61 -26.47 29.25
N HIS C 9 9.50 -26.55 30.56
CA HIS C 9 8.52 -25.83 31.36
C HIS C 9 9.22 -24.85 32.27
N ILE C 10 8.57 -23.73 32.58
CA ILE C 10 9.26 -22.56 33.10
C ILE C 10 8.87 -22.22 34.53
N TYR C 11 7.62 -22.47 34.96
CA TYR C 11 7.23 -22.40 36.37
C TYR C 11 7.35 -21.04 37.04
N ASP C 12 6.28 -20.26 36.89
CA ASP C 12 5.86 -19.16 37.77
C ASP C 12 6.48 -17.81 37.47
N MET C 13 6.79 -17.59 36.20
CA MET C 13 6.52 -16.34 35.48
C MET C 13 7.16 -15.10 36.11
N PRO C 14 8.47 -14.91 35.96
CA PRO C 14 9.11 -13.74 36.56
C PRO C 14 8.60 -12.42 36.00
N LEU C 15 8.58 -11.41 36.88
CA LEU C 15 8.19 -10.03 36.60
C LEU C 15 6.75 -9.90 36.14
N ARG C 16 5.88 -10.75 36.66
CA ARG C 16 4.47 -10.70 36.33
C ARG C 16 3.76 -9.66 37.16
N VAL C 17 3.03 -8.76 36.50
CA VAL C 17 2.22 -7.78 37.21
C VAL C 17 1.00 -8.50 37.77
N ILE C 18 0.91 -8.57 39.09
CA ILE C 18 -0.18 -9.25 39.77
C ILE C 18 -1.12 -8.28 40.46
N ALA C 19 -0.92 -6.99 40.29
CA ALA C 19 -1.87 -5.99 40.77
C ALA C 19 -1.93 -4.92 39.71
N GLY C 20 -2.92 -5.02 38.84
CA GLY C 20 -2.98 -4.19 37.65
C GLY C 20 -3.59 -2.84 37.90
N LEU C 21 -3.86 -2.14 36.81
CA LEU C 21 -4.41 -0.80 36.86
C LEU C 21 -5.92 -0.83 36.83
N SER C 22 -6.52 0.11 37.53
CA SER C 22 -7.98 0.17 37.63
C SER C 22 -8.63 0.95 36.50
N THR C 23 -7.86 1.74 35.77
CA THR C 23 -8.41 2.54 34.69
C THR C 23 -8.44 1.81 33.35
N LEU C 24 -8.01 0.56 33.30
CA LEU C 24 -7.94 -0.21 32.08
C LEU C 24 -9.05 -1.25 32.11
N ALA C 25 -9.93 -1.21 31.12
CA ALA C 25 -11.16 -2.00 31.17
C ALA C 25 -10.89 -3.47 30.87
N LYS C 26 -11.62 -4.34 31.54
CA LYS C 26 -11.44 -5.79 31.38
C LYS C 26 -12.32 -6.38 30.31
N THR C 27 -13.51 -5.84 30.10
CA THR C 27 -14.40 -6.37 29.09
C THR C 27 -14.83 -5.26 28.15
N THR C 28 -15.37 -5.64 27.00
CA THR C 28 -15.82 -4.65 26.04
C THR C 28 -17.13 -4.00 26.43
N GLU C 29 -17.92 -4.63 27.30
CA GLU C 29 -19.18 -4.06 27.72
C GLU C 29 -19.00 -2.96 28.74
N GLU C 30 -17.83 -2.89 29.38
CA GLU C 30 -17.52 -1.82 30.33
C GLU C 30 -16.61 -0.78 29.72
N ASP C 31 -16.73 -0.53 28.42
CA ASP C 31 -15.87 0.41 27.71
C ASP C 31 -16.73 1.08 26.64
N ASP C 32 -16.92 2.39 26.76
CA ASP C 32 -17.70 3.15 25.80
C ASP C 32 -17.04 4.47 25.48
N ASN C 33 -15.71 4.50 25.43
CA ASN C 33 -15.01 5.75 25.18
C ASN C 33 -15.11 6.14 23.71
N THR C 34 -15.31 5.17 22.82
CA THR C 34 -15.50 5.47 21.41
C THR C 34 -16.83 6.15 21.16
N SER C 35 -17.82 5.88 22.02
CA SER C 35 -19.17 6.37 21.80
C SER C 35 -19.27 7.88 21.98
N THR C 36 -18.87 8.38 23.15
CA THR C 36 -19.16 9.78 23.38
C THR C 36 -18.13 10.71 22.75
N GLY C 37 -16.96 10.84 23.36
CA GLY C 37 -15.93 11.58 22.66
C GLY C 37 -14.50 11.31 23.05
N ILE C 38 -14.27 10.39 23.98
CA ILE C 38 -12.98 10.36 24.66
C ILE C 38 -11.92 9.74 23.77
N VAL C 39 -12.24 8.62 23.13
CA VAL C 39 -11.36 7.98 22.17
C VAL C 39 -11.96 8.12 20.79
N VAL C 40 -11.21 8.70 19.86
CA VAL C 40 -11.58 8.71 18.46
C VAL C 40 -10.71 7.66 17.78
N SER C 41 -11.30 6.51 17.48
CA SER C 41 -10.56 5.36 16.98
C SER C 41 -10.87 5.15 15.51
N GLU C 42 -9.82 4.96 14.72
CA GLU C 42 -9.95 4.64 13.31
C GLU C 42 -9.65 3.19 13.01
N VAL C 43 -9.37 2.38 14.04
CA VAL C 43 -9.02 0.98 13.88
C VAL C 43 -10.04 0.06 14.54
N GLY C 44 -11.16 0.60 14.98
CA GLY C 44 -12.19 -0.19 15.60
C GLY C 44 -12.27 0.03 17.09
N GLU C 45 -13.08 -0.73 17.68
CA GLU C 45 -13.34 -0.87 19.11
C GLU C 45 -12.35 -1.86 19.71
N PRO C 46 -11.99 -1.73 20.98
CA PRO C 46 -10.91 -2.56 21.52
C PRO C 46 -11.38 -3.97 21.84
N GLN C 47 -10.54 -4.94 21.50
CA GLN C 47 -10.82 -6.35 21.74
C GLN C 47 -10.06 -6.82 22.97
N VAL C 48 -10.55 -7.90 23.58
CA VAL C 48 -10.02 -8.37 24.85
C VAL C 48 -8.75 -9.16 24.61
N VAL C 49 -7.70 -8.85 25.35
CA VAL C 49 -6.42 -9.53 25.27
C VAL C 49 -6.17 -10.26 26.57
N ASN C 50 -5.89 -11.56 26.49
CA ASN C 50 -5.47 -12.36 27.62
C ASN C 50 -4.00 -12.69 27.47
N HIS C 51 -3.18 -12.19 28.38
CA HIS C 51 -1.76 -12.48 28.33
C HIS C 51 -1.29 -12.91 29.70
N PRO C 52 -0.35 -13.87 29.78
CA PRO C 52 0.08 -14.35 31.09
C PRO C 52 0.92 -13.38 31.91
N ALA C 53 1.56 -12.40 31.30
CA ALA C 53 2.42 -11.50 32.05
C ALA C 53 1.69 -10.33 32.67
N TRP C 54 0.37 -10.40 32.76
CA TRP C 54 -0.47 -9.36 33.33
C TRP C 54 -1.69 -10.08 33.90
N ILE C 55 -2.07 -9.75 35.13
CA ILE C 55 -2.96 -10.62 35.89
C ILE C 55 -4.37 -10.60 35.35
N ASP C 56 -4.84 -9.45 34.88
CA ASP C 56 -6.24 -9.35 34.53
C ASP C 56 -6.39 -9.00 33.06
N PRO C 57 -7.48 -9.43 32.40
CA PRO C 57 -7.63 -9.15 30.98
C PRO C 57 -7.88 -7.69 30.72
N PHE C 58 -7.56 -7.27 29.51
CA PHE C 58 -7.63 -5.87 29.18
C PHE C 58 -7.99 -5.73 27.71
N VAL C 59 -8.63 -4.63 27.38
CA VAL C 59 -9.03 -4.35 26.02
C VAL C 59 -7.94 -3.56 25.32
N ALA C 60 -7.63 -3.93 24.09
CA ALA C 60 -6.55 -3.31 23.34
C ALA C 60 -7.01 -2.95 21.94
N TYR C 61 -6.50 -1.84 21.44
CA TYR C 61 -6.81 -1.41 20.08
C TYR C 61 -5.86 -2.08 19.11
N GLN C 62 -6.42 -2.64 18.04
CA GLN C 62 -5.65 -3.39 17.06
C GLN C 62 -5.05 -2.40 16.08
N LEU C 63 -3.77 -2.08 16.25
CA LEU C 63 -3.14 -1.13 15.35
C LEU C 63 -2.87 -1.73 13.98
N ARG C 64 -2.72 -3.04 13.91
CA ARG C 64 -2.71 -3.74 12.65
C ARG C 64 -3.69 -4.89 12.75
N ALA C 65 -4.13 -5.38 11.61
CA ALA C 65 -5.14 -6.42 11.61
C ALA C 65 -4.51 -7.76 12.00
N PRO C 66 -5.17 -8.55 12.83
CA PRO C 66 -4.57 -9.80 13.30
C PRO C 66 -4.54 -10.86 12.20
N ARG C 67 -3.46 -11.64 12.20
CA ARG C 67 -3.19 -12.60 11.15
C ARG C 67 -2.69 -13.90 11.76
N LYS C 68 -2.21 -14.81 10.91
CA LYS C 68 -1.78 -16.15 11.31
C LYS C 68 -0.27 -16.31 11.41
N ASN C 69 0.52 -15.54 10.65
CA ASN C 69 1.99 -15.57 10.66
C ASN C 69 2.60 -16.92 10.27
N ILE C 70 2.62 -17.21 8.96
CA ILE C 70 3.39 -18.31 8.38
C ILE C 70 4.79 -18.38 8.96
N THR C 71 5.20 -19.56 9.43
CA THR C 71 6.55 -19.79 9.94
C THR C 71 7.23 -20.85 9.09
N PRO C 72 8.19 -20.49 8.24
CA PRO C 72 8.83 -21.50 7.38
C PRO C 72 9.80 -22.36 8.18
N ASP C 73 9.73 -23.68 7.98
CA ASP C 73 10.43 -24.64 8.80
C ASP C 73 11.23 -25.62 7.97
N PHE C 74 11.94 -25.14 6.96
CA PHE C 74 12.63 -26.05 6.07
C PHE C 74 14.09 -26.23 6.42
N ILE C 75 14.70 -25.24 7.05
CA ILE C 75 16.09 -25.32 7.47
C ILE C 75 16.18 -26.06 8.79
N PHE C 76 17.41 -26.36 9.20
CA PHE C 76 17.63 -27.05 10.46
C PHE C 76 17.43 -26.13 11.66
N GLY C 77 16.60 -26.55 12.60
CA GLY C 77 16.43 -25.84 13.85
C GLY C 77 15.19 -24.98 13.95
N ARG C 78 14.37 -25.20 14.97
CA ARG C 78 13.13 -24.43 15.12
C ARG C 78 12.77 -24.45 16.60
N ALA C 79 12.19 -23.36 17.08
CA ALA C 79 11.81 -23.28 18.48
C ALA C 79 10.63 -22.34 18.66
N ASP C 80 9.74 -22.70 19.58
CA ASP C 80 8.63 -21.84 19.98
C ASP C 80 8.95 -21.37 21.39
N ILE C 81 9.41 -20.14 21.52
CA ILE C 81 9.69 -19.60 22.84
C ILE C 81 8.39 -19.32 23.56
N GLY C 82 7.53 -18.50 22.96
CA GLY C 82 6.12 -18.47 23.28
C GLY C 82 5.72 -18.05 24.67
N ASN C 83 5.87 -16.76 24.95
CA ASN C 83 5.54 -16.10 26.23
C ASN C 83 6.40 -16.59 27.38
N ALA C 84 7.48 -17.31 27.11
CA ALA C 84 8.39 -17.75 28.16
C ALA C 84 9.36 -16.62 28.48
N PHE C 85 9.60 -16.43 29.78
CA PHE C 85 10.44 -15.34 30.33
C PHE C 85 9.96 -13.97 29.87
N SER C 86 8.65 -13.81 29.72
CA SER C 86 8.06 -12.64 29.09
C SER C 86 7.51 -11.69 30.14
N ALA C 87 7.71 -10.39 29.93
CA ALA C 87 7.28 -9.42 30.91
C ALA C 87 6.87 -8.13 30.23
N PHE C 88 6.02 -7.37 30.92
CA PHE C 88 5.71 -5.99 30.56
C PHE C 88 6.73 -5.08 31.23
N LEU C 89 7.60 -4.48 30.45
CA LEU C 89 8.69 -3.68 30.98
C LEU C 89 8.39 -2.20 30.80
N PRO C 90 8.46 -1.40 31.85
CA PRO C 90 8.11 0.01 31.76
C PRO C 90 9.28 0.94 31.47
N ARG C 91 8.96 2.03 30.77
CA ARG C 91 9.88 3.13 30.52
C ARG C 91 9.10 4.44 30.55
N ARG C 92 9.79 5.53 30.89
CA ARG C 92 9.17 6.84 30.95
C ARG C 92 9.62 7.70 29.78
N PHE C 93 8.65 8.43 29.20
CA PHE C 93 8.94 9.38 28.14
C PHE C 93 8.20 10.66 28.43
N SER C 94 8.74 11.78 27.98
CA SER C 94 8.01 13.03 28.03
C SER C 94 7.18 13.18 26.78
N ALA C 95 6.05 13.86 26.90
CA ALA C 95 5.21 14.07 25.74
C ALA C 95 5.86 15.07 24.79
N PRO C 96 5.85 14.83 23.50
CA PRO C 96 6.54 15.70 22.54
C PRO C 96 5.80 17.01 22.36
N ALA C 97 6.42 17.91 21.60
CA ALA C 97 5.75 19.14 21.20
C ALA C 97 4.75 18.84 20.09
N VAL C 98 4.05 19.87 19.63
CA VAL C 98 2.96 19.66 18.69
C VAL C 98 3.49 19.27 17.32
N GLY C 99 4.63 19.81 16.92
CA GLY C 99 5.20 19.45 15.64
C GLY C 99 5.98 18.15 15.60
N THR C 100 6.63 17.80 16.71
CA THR C 100 7.61 16.71 16.73
C THR C 100 6.92 15.36 16.86
N ARG C 101 7.70 14.32 17.15
CA ARG C 101 7.17 12.97 17.11
C ARG C 101 8.01 12.08 18.02
N LEU C 102 7.37 11.10 18.64
CA LEU C 102 8.01 10.18 19.59
C LEU C 102 7.81 8.75 19.13
N VAL C 103 8.91 8.04 18.90
CA VAL C 103 8.87 6.65 18.47
C VAL C 103 9.34 5.79 19.63
N VAL C 104 8.48 4.87 20.05
CA VAL C 104 8.79 3.94 21.13
C VAL C 104 9.25 2.63 20.50
N ASP C 105 10.35 2.28 20.76
CA ASP C 105 10.99 1.06 20.29
C ASP C 105 10.77 -0.06 21.31
N PRO C 106 10.51 -1.29 20.89
CA PRO C 106 10.22 -2.36 21.85
C PRO C 106 11.48 -2.87 22.55
N VAL C 107 11.28 -3.46 23.74
CA VAL C 107 12.34 -4.02 24.56
C VAL C 107 11.93 -5.41 25.01
N PHE C 108 12.91 -6.15 25.55
CA PHE C 108 12.64 -7.50 26.04
C PHE C 108 13.68 -7.88 27.09
N THR C 109 13.34 -8.91 27.87
CA THR C 109 14.09 -9.26 29.07
C THR C 109 15.40 -9.94 28.74
N TYR C 110 16.24 -10.09 29.77
CA TYR C 110 17.54 -10.71 29.63
C TYR C 110 17.41 -12.19 29.31
N GLN C 111 16.47 -12.87 29.96
CA GLN C 111 16.31 -14.30 29.74
C GLN C 111 15.69 -14.62 28.40
N GLN C 112 14.92 -13.69 27.82
CA GLN C 112 14.51 -13.86 26.45
C GLN C 112 15.66 -13.64 25.48
N ARG C 113 16.64 -12.82 25.83
CA ARG C 113 17.74 -12.58 24.91
C ARG C 113 18.70 -13.76 24.90
N THR C 114 18.73 -14.53 25.99
CA THR C 114 19.63 -15.67 26.08
C THR C 114 19.12 -16.84 25.26
N VAL C 115 17.85 -17.18 25.41
CA VAL C 115 17.33 -18.38 24.76
C VAL C 115 17.15 -18.13 23.26
N LEU C 116 16.68 -16.94 22.89
CA LEU C 116 16.59 -16.56 21.50
C LEU C 116 17.96 -16.39 20.87
N GLY C 117 19.00 -16.20 21.66
CA GLY C 117 20.36 -16.17 21.20
C GLY C 117 20.93 -17.49 20.76
N LEU C 118 20.18 -18.58 20.89
CA LEU C 118 20.57 -19.86 20.33
C LEU C 118 20.14 -20.04 18.89
N TYR C 119 19.49 -19.04 18.30
CA TYR C 119 18.96 -19.14 16.95
C TYR C 119 19.32 -17.89 16.17
N ASN C 120 18.96 -17.90 14.89
CA ASN C 120 19.35 -16.84 13.97
C ASN C 120 18.21 -15.97 13.50
N TYR C 121 16.99 -16.48 13.40
CA TYR C 121 15.90 -15.75 12.79
C TYR C 121 14.68 -15.86 13.68
N PHE C 122 13.82 -14.84 13.68
CA PHE C 122 12.71 -14.84 14.62
C PHE C 122 11.57 -14.01 14.06
N HIS C 123 10.40 -14.14 14.67
CA HIS C 123 9.36 -13.13 14.59
C HIS C 123 8.53 -13.18 15.86
N ALA C 124 7.88 -12.07 16.19
CA ALA C 124 7.11 -11.99 17.41
C ALA C 124 6.01 -10.94 17.28
N ASP C 125 5.03 -11.04 18.16
CA ASP C 125 4.01 -10.01 18.32
C ASP C 125 4.33 -9.18 19.56
N PHE C 126 3.64 -8.05 19.69
CA PHE C 126 3.99 -7.06 20.69
C PHE C 126 2.72 -6.50 21.31
N TYR C 127 2.84 -6.06 22.56
CA TYR C 127 1.76 -5.43 23.27
C TYR C 127 2.28 -4.20 24.00
N TYR C 128 1.42 -3.21 24.13
CA TYR C 128 1.75 -1.95 24.76
C TYR C 128 0.63 -1.52 25.66
N ILE C 129 0.99 -0.99 26.82
CA ILE C 129 0.05 -0.37 27.73
C ILE C 129 0.58 1.02 28.01
N VAL C 130 -0.15 2.04 27.59
CA VAL C 130 0.25 3.43 27.74
C VAL C 130 -0.58 4.06 28.86
N HIS C 131 0.08 4.69 29.82
CA HIS C 131 -0.58 5.32 30.94
C HIS C 131 -0.10 6.76 31.05
N VAL C 132 -1.03 7.71 31.00
CA VAL C 132 -0.73 9.12 31.22
C VAL C 132 -1.49 9.57 32.46
N PRO C 133 -0.81 9.74 33.59
CA PRO C 133 -1.48 10.30 34.78
C PRO C 133 -1.80 11.77 34.59
N ALA C 134 -3.08 12.11 34.68
CA ALA C 134 -3.57 13.46 34.42
C ALA C 134 -4.07 14.10 35.70
N PRO C 135 -3.33 15.05 36.29
CA PRO C 135 -3.68 15.53 37.63
C PRO C 135 -5.00 16.28 37.78
N LEU C 136 -5.07 17.56 37.42
CA LEU C 136 -6.35 18.28 37.44
C LEU C 136 -6.65 19.02 36.15
N GLY C 137 -5.79 19.96 35.82
CA GLY C 137 -6.07 20.87 34.74
C GLY C 137 -5.46 20.37 33.45
N THR C 138 -5.68 19.12 33.14
CA THR C 138 -5.07 18.46 31.99
C THR C 138 -6.00 18.55 30.80
N GLY C 139 -5.51 19.10 29.70
CA GLY C 139 -6.27 19.13 28.48
C GLY C 139 -5.52 18.56 27.31
N ILE C 140 -4.69 17.53 27.58
CA ILE C 140 -3.87 16.92 26.55
C ILE C 140 -4.76 16.12 25.60
N TYR C 141 -4.40 16.10 24.34
CA TYR C 141 -5.10 15.30 23.35
C TYR C 141 -4.01 14.63 22.50
N LEU C 142 -3.90 13.31 22.61
CA LEU C 142 -2.78 12.57 22.03
C LEU C 142 -3.22 11.77 20.81
N LYS C 143 -2.23 11.16 20.16
CA LYS C 143 -2.44 10.41 18.93
C LYS C 143 -1.41 9.30 18.85
N ILE C 144 -1.88 8.07 18.66
CA ILE C 144 -0.99 6.92 18.62
C ILE C 144 -1.27 6.12 17.35
N TYR C 145 -0.21 5.77 16.62
CA TYR C 145 -0.32 4.90 15.45
C TYR C 145 0.99 4.13 15.28
N ALA C 146 1.07 3.36 14.19
CA ALA C 146 2.24 2.54 13.91
C ALA C 146 3.00 3.06 12.70
N PRO C 147 4.31 3.23 12.76
CA PRO C 147 5.05 3.83 11.65
C PRO C 147 5.26 2.84 10.54
N GLU C 148 5.42 3.34 9.32
CA GLU C 148 5.49 2.43 8.19
C GLU C 148 6.80 2.49 7.40
N PHE C 149 7.15 3.62 6.78
CA PHE C 149 8.34 3.68 5.94
C PHE C 149 9.36 4.68 6.44
N ASP C 150 8.94 5.91 6.72
CA ASP C 150 9.86 6.99 7.02
C ASP C 150 9.30 7.86 8.13
N THR C 151 9.85 9.06 8.24
CA THR C 151 9.60 9.96 9.37
C THR C 151 8.24 10.65 9.30
N THR C 152 7.66 10.85 8.13
CA THR C 152 6.43 11.64 8.07
C THR C 152 5.17 10.85 7.82
N THR C 153 5.26 9.55 7.58
CA THR C 153 4.10 8.79 7.11
C THR C 153 3.15 8.48 8.26
N VAL C 154 1.87 8.78 8.06
CA VAL C 154 0.84 8.63 9.08
C VAL C 154 -0.14 7.56 8.62
N THR C 155 -0.52 6.67 9.53
CA THR C 155 -1.50 5.64 9.23
C THR C 155 -2.73 5.80 10.13
N ARG C 156 -3.65 4.86 10.02
CA ARG C 156 -4.84 4.86 10.85
C ARG C 156 -4.52 4.40 12.27
N GLY C 157 -4.95 5.17 13.26
CA GLY C 157 -4.67 4.88 14.65
C GLY C 157 -5.76 5.40 15.55
N ILE C 158 -5.39 5.76 16.78
CA ILE C 158 -6.35 6.26 17.75
C ILE C 158 -5.93 7.63 18.25
N ARG C 159 -6.92 8.44 18.58
CA ARG C 159 -6.75 9.70 19.27
C ARG C 159 -7.50 9.60 20.59
N PHE C 160 -6.93 10.11 21.67
CA PHE C 160 -7.63 9.97 22.95
C PHE C 160 -7.30 11.13 23.87
N LYS C 161 -8.14 11.29 24.89
CA LYS C 161 -7.99 12.31 25.92
C LYS C 161 -7.58 11.63 27.21
N PRO C 162 -6.38 11.89 27.74
CA PRO C 162 -5.96 11.19 28.96
C PRO C 162 -6.63 11.65 30.22
N SER C 163 -7.34 12.78 30.20
CA SER C 163 -7.99 13.24 31.42
C SER C 163 -9.19 12.39 31.76
N ALA C 164 -9.81 11.76 30.76
CA ALA C 164 -10.98 10.94 30.99
C ALA C 164 -10.75 9.45 30.79
N SER C 165 -9.73 9.08 30.03
CA SER C 165 -9.28 7.69 29.95
C SER C 165 -7.77 7.71 30.09
N PRO C 166 -7.25 7.53 31.29
CA PRO C 166 -5.79 7.69 31.48
C PRO C 166 -4.98 6.56 30.88
N THR C 167 -5.50 5.35 30.87
CA THR C 167 -4.75 4.19 30.40
C THR C 167 -5.32 3.73 29.06
N ILE C 168 -4.45 3.50 28.10
CA ILE C 168 -4.82 2.92 26.81
C ILE C 168 -3.91 1.74 26.57
N ALA C 169 -4.39 0.76 25.81
CA ALA C 169 -3.64 -0.45 25.55
C ALA C 169 -3.73 -0.79 24.07
N LEU C 170 -2.67 -1.39 23.55
CA LEU C 170 -2.48 -1.54 22.12
C LEU C 170 -2.02 -2.96 21.80
N SER C 171 -2.23 -3.35 20.55
CA SER C 171 -1.91 -4.68 20.08
C SER C 171 -1.23 -4.55 18.74
N VAL C 172 0.05 -4.91 18.66
CA VAL C 172 0.85 -4.71 17.47
C VAL C 172 1.35 -6.07 16.98
N PRO C 173 0.70 -6.64 15.98
CA PRO C 173 1.15 -7.94 15.45
C PRO C 173 2.29 -7.78 14.46
N TRP C 174 2.90 -8.91 14.12
CA TRP C 174 4.04 -8.94 13.22
C TRP C 174 3.55 -8.77 11.78
N SER C 175 3.94 -7.68 11.14
CA SER C 175 3.61 -7.44 9.74
C SER C 175 4.89 -7.12 9.00
N ASN C 176 5.26 -7.98 8.06
CA ASN C 176 6.50 -7.78 7.32
C ASN C 176 6.42 -8.59 6.04
N ASP C 177 7.13 -8.14 5.00
CA ASP C 177 7.10 -8.87 3.74
C ASP C 177 8.01 -10.09 3.75
N LEU C 178 8.84 -10.22 4.77
CA LEU C 178 9.62 -11.40 5.05
C LEU C 178 9.26 -11.89 6.43
N SER C 179 8.82 -13.14 6.52
CA SER C 179 8.80 -13.81 7.81
C SER C 179 10.23 -14.07 8.24
N THR C 180 10.44 -14.12 9.56
CA THR C 180 11.72 -14.49 10.18
C THR C 180 12.88 -13.63 9.68
N VAL C 181 12.91 -12.38 10.15
CA VAL C 181 14.09 -11.57 9.93
C VAL C 181 15.24 -12.08 10.80
N GLU C 182 16.45 -11.72 10.40
CA GLU C 182 17.61 -11.88 11.27
C GLU C 182 17.43 -11.04 12.51
N THR C 183 17.82 -11.60 13.65
CA THR C 183 17.58 -10.95 14.94
C THR C 183 18.37 -9.65 15.07
N SER C 184 19.66 -9.68 14.78
CA SER C 184 20.48 -8.51 14.99
C SER C 184 20.47 -7.55 13.83
N VAL C 185 19.82 -7.88 12.71
CA VAL C 185 19.90 -7.04 11.52
C VAL C 185 18.54 -6.49 11.14
N GLY C 186 17.57 -7.35 10.88
CA GLY C 186 16.27 -6.93 10.44
C GLY C 186 16.25 -6.53 8.97
N ARG C 187 15.04 -6.42 8.43
CA ARG C 187 14.87 -5.94 7.07
C ARG C 187 14.91 -4.42 7.07
N VAL C 188 15.46 -3.84 6.01
CA VAL C 188 15.41 -2.38 5.86
C VAL C 188 14.00 -1.97 5.48
N GLY C 189 13.45 -1.01 6.20
CA GLY C 189 12.11 -0.54 5.94
C GLY C 189 11.02 -1.28 6.67
N GLN C 190 11.38 -2.10 7.65
CA GLN C 190 10.38 -2.87 8.37
C GLN C 190 9.70 -2.02 9.42
N SER C 191 8.53 -2.49 9.86
CA SER C 191 7.82 -1.85 10.95
C SER C 191 8.29 -2.37 12.30
N GLY C 192 8.37 -3.68 12.45
CA GLY C 192 8.78 -4.24 13.73
C GLY C 192 7.67 -4.11 14.73
N GLY C 193 8.00 -3.64 15.92
CA GLY C 193 7.00 -3.49 16.95
C GLY C 193 6.94 -2.08 17.49
N SER C 194 7.38 -1.12 16.70
CA SER C 194 7.41 0.26 17.15
C SER C 194 6.02 0.87 17.10
N ILE C 195 5.77 1.80 18.00
CA ILE C 195 4.61 2.67 17.94
C ILE C 195 5.08 4.10 17.93
N VAL C 196 4.16 5.00 17.62
CA VAL C 196 4.41 6.41 17.46
C VAL C 196 3.42 7.18 18.30
N ILE C 197 3.91 8.05 19.18
CA ILE C 197 3.08 8.92 19.99
C ILE C 197 3.27 10.35 19.49
N GLU C 198 2.16 11.07 19.33
CA GLU C 198 2.21 12.43 18.83
C GLU C 198 1.23 13.28 19.63
N THR C 199 1.65 14.49 20.00
CA THR C 199 0.81 15.43 20.70
C THR C 199 0.02 16.26 19.69
N ILE C 200 -1.30 16.28 19.85
CA ILE C 200 -2.15 17.10 18.98
C ILE C 200 -2.28 18.50 19.56
N GLU C 201 -2.75 18.57 20.81
CA GLU C 201 -3.06 19.85 21.44
C GLU C 201 -2.54 19.86 22.86
N ASP C 202 -2.43 21.07 23.42
CA ASP C 202 -2.08 21.27 24.82
C ASP C 202 -3.03 22.33 25.39
N ASN C 203 -4.22 21.90 25.82
CA ASN C 203 -5.18 22.81 26.43
C ASN C 203 -5.17 22.65 27.95
N SER C 204 -4.01 22.84 28.56
CA SER C 204 -3.86 22.65 30.00
C SER C 204 -3.76 23.98 30.70
N ASN C 205 -3.78 23.94 32.03
CA ASN C 205 -3.62 25.15 32.82
C ASN C 205 -2.17 25.63 32.77
N GLU C 206 -1.94 26.77 33.41
CA GLU C 206 -0.58 27.23 33.61
C GLU C 206 0.09 26.54 34.78
N THR C 207 -0.68 25.90 35.64
CA THR C 207 -0.14 25.29 36.84
C THR C 207 0.34 23.86 36.60
N VAL C 208 -0.10 23.21 35.54
CA VAL C 208 0.29 21.84 35.27
C VAL C 208 1.72 21.82 34.76
N ASN C 209 2.56 20.99 35.36
CA ASN C 209 3.95 20.85 34.93
C ASN C 209 3.99 19.98 33.70
N THR C 210 3.99 20.57 32.61
CA THR C 210 4.19 20.31 31.20
C THR C 210 5.69 20.35 30.92
N PRO C 211 6.30 19.37 30.20
CA PRO C 211 5.99 18.37 29.17
C PRO C 211 5.51 16.97 29.59
N LEU C 212 4.33 16.85 30.23
CA LEU C 212 3.83 15.71 31.00
C LEU C 212 4.30 14.31 30.64
N SER C 213 4.74 13.56 31.64
CA SER C 213 5.42 12.30 31.43
C SER C 213 4.46 11.21 31.00
N ILE C 214 4.96 10.30 30.17
CA ILE C 214 4.20 9.17 29.66
C ILE C 214 4.93 7.91 30.08
N THR C 215 4.19 6.92 30.57
CA THR C 215 4.74 5.61 30.90
C THR C 215 4.21 4.59 29.92
N VAL C 216 5.10 3.81 29.32
CA VAL C 216 4.73 2.82 28.31
C VAL C 216 5.33 1.49 28.73
N TRP C 217 4.47 0.52 29.03
CA TRP C 217 4.89 -0.87 29.19
C TRP C 217 4.94 -1.55 27.84
N CYS C 218 5.93 -2.41 27.64
CA CYS C 218 6.04 -3.17 26.41
C CYS C 218 6.30 -4.63 26.75
N CYS C 219 5.54 -5.53 26.13
CA CYS C 219 5.75 -6.96 26.27
C CYS C 219 5.97 -7.57 24.90
N MET C 220 7.00 -8.39 24.78
CA MET C 220 7.29 -9.09 23.53
C MET C 220 6.68 -10.49 23.62
N ALA C 221 5.49 -10.64 23.06
CA ALA C 221 4.74 -11.89 23.07
C ALA C 221 5.24 -12.82 21.98
N ASN C 222 4.40 -13.79 21.60
CA ASN C 222 4.73 -15.12 21.05
C ASN C 222 5.88 -15.18 20.07
N ILE C 223 6.99 -15.79 20.49
CA ILE C 223 8.24 -15.75 19.74
C ILE C 223 8.46 -17.12 19.13
N LYS C 224 8.73 -17.15 17.84
CA LYS C 224 9.08 -18.37 17.14
C LYS C 224 10.42 -18.15 16.45
N ALA C 225 11.45 -18.86 16.91
CA ALA C 225 12.80 -18.72 16.38
C ALA C 225 13.12 -19.88 15.44
N THR C 226 14.04 -19.62 14.52
CA THR C 226 14.33 -20.53 13.42
C THR C 226 15.82 -20.44 13.12
N GLY C 227 16.46 -21.57 12.89
CA GLY C 227 17.84 -21.60 12.45
C GLY C 227 18.85 -21.84 13.55
N TYR C 228 19.29 -23.08 13.71
CA TYR C 228 20.11 -23.47 14.85
C TYR C 228 21.53 -22.94 14.66
N ARG C 229 22.03 -22.22 15.66
CA ARG C 229 23.12 -21.28 15.44
C ARG C 229 24.50 -21.82 15.79
N HIS C 230 24.66 -22.47 16.94
CA HIS C 230 25.97 -22.89 17.41
C HIS C 230 26.21 -24.32 16.97
N ALA C 231 27.20 -24.52 16.10
CA ALA C 231 27.55 -25.85 15.63
C ALA C 231 28.69 -26.40 16.48
N ASP C 232 28.37 -26.63 17.74
CA ASP C 232 29.32 -27.08 18.75
C ASP C 232 28.99 -28.52 19.08
N THR C 233 29.89 -29.43 18.71
CA THR C 233 29.70 -30.85 18.96
C THR C 233 30.47 -31.31 20.18
N SER C 234 31.36 -30.47 20.71
CA SER C 234 32.19 -30.84 21.85
C SER C 234 31.37 -30.97 23.13
N ALA C 235 31.92 -31.70 24.08
CA ALA C 235 31.22 -32.03 25.31
C ALA C 235 31.70 -31.14 26.45
N TYR C 236 30.78 -30.86 27.37
CA TYR C 236 31.06 -29.98 28.50
C TYR C 236 30.76 -30.70 29.80
N ASN C 237 31.33 -30.17 30.88
CA ASN C 237 31.29 -30.81 32.17
C ASN C 237 31.23 -29.74 33.24
N GLU C 238 30.42 -29.96 34.26
CA GLU C 238 30.43 -29.15 35.46
C GLU C 238 30.58 -30.04 36.68
N LYS C 239 31.01 -29.45 37.79
CA LYS C 239 31.32 -30.24 38.97
C LYS C 239 30.10 -30.82 39.65
N GLY C 240 28.92 -30.30 39.38
CA GLY C 240 27.72 -30.80 40.04
C GLY C 240 27.31 -32.19 39.60
N MET C 241 27.65 -32.56 38.37
CA MET C 241 27.28 -33.86 37.84
C MET C 241 28.38 -34.88 37.98
N ASN C 242 29.49 -34.54 38.61
CA ASN C 242 30.62 -35.45 38.71
C ASN C 242 30.55 -36.28 39.99
N PHE C 243 31.45 -37.25 40.07
CA PHE C 243 31.73 -37.96 41.31
C PHE C 243 32.85 -37.24 42.05
N ILE C 244 32.53 -36.66 43.20
CA ILE C 244 33.51 -35.97 44.02
C ILE C 244 33.90 -36.90 45.16
N PRO C 245 35.10 -37.46 45.17
CA PRO C 245 35.49 -38.35 46.25
C PRO C 245 35.79 -37.61 47.53
N VAL C 246 35.55 -38.30 48.64
CA VAL C 246 35.85 -37.79 49.98
C VAL C 246 37.36 -37.67 50.13
N PRO C 247 37.88 -36.53 50.57
CA PRO C 247 39.35 -36.37 50.69
C PRO C 247 39.91 -37.23 51.81
N VAL C 248 40.97 -37.96 51.50
CA VAL C 248 41.57 -38.92 52.41
C VAL C 248 42.58 -38.19 53.30
N PRO C 249 42.62 -38.46 54.61
CA PRO C 249 43.66 -37.85 55.43
C PRO C 249 45.03 -38.48 55.25
#